data_7DFL
#
_entry.id   7DFL
#
_cell.length_a   1.00
_cell.length_b   1.00
_cell.length_c   1.00
_cell.angle_alpha   90.00
_cell.angle_beta   90.00
_cell.angle_gamma   90.00
#
_symmetry.space_group_name_H-M   'P 1'
#
loop_
_entity.id
_entity.type
_entity.pdbx_description
1 polymer 'Histamine H1 receptor'
2 polymer 'Guanine nucleotide-binding protein G(I)/G(S)/G(T) subunit beta-1'
3 polymer 'Guanine nucleotide-binding protein G(I)/G(S)/G(O) subunit gamma-2'
4 polymer 'Guanine nucleotide-binding protein G(q) subunit alpha'
5 polymer scFv16
6 non-polymer HISTAMINE
#
loop_
_entity_poly.entity_id
_entity_poly.type
_entity_poly.pdbx_seq_one_letter_code
_entity_poly.pdbx_strand_id
1 'polypeptide(L)'
;MSLPNSSCLLEDKMCEGNKTTMASPQLMPLVVVLSTICLVTVGLNLLVLYAVRSERKLHTVGNLYIVSLSVADLIVGAVV
MPMNILYLLMSKWSLGRPLCLFWLSMDYVASTASIFSVFILCIDRYRSVQQPLRYLKYRTKTRASATILGAWFLSFLWVI
PILGWNHFMQQTSVRREDKCETDFYDVTWFKVMTAIINFYLPTLLMLWFYAKIYKAVRQHCQHRELINRSLPSFSEIKLR
PENPKGDAKKPGKESPWEVLKRKPKDAGGGSVLKSPSQTPKEMKSPVVFSQEDDREVDKLYCFPLDIVHMQAAAEGSSRD
YVAVNRSHGQLKTDEQGLNTHGASEISEDQMLGDSQSFSRTDSDTTTETAPGKGKLRSGSNTGLDYIKFTWKRLRSHSRQ
YVSGLHMNRERKAAKQLGFIMAAFILCWIPYFIFFMVIAFCKNCCNEHLHMFTIWLGYINSTLNPLIYPLCNENFKKTFK
RILHIRS
;
R
2 'polypeptide(L)'
;SELDQLRQEAEQLKNQIRDARKACADATLSQITNNIDPVGRIQMRTRRTLRGHLAKIYAMHWGTDSRLLVSASQDGKLII
WDSYTTNKVHAIPLRSSWVMTCAYAPSGNYVACGGLDNICSIYNLKTREGNVRVSRELAGHTGYLSCCRFLDDNQIVTSS
GDTTCALWDIETGQQTTTFTGHTGDVMSLSLAPDTRLFVSGACDASAKLWDVREGMCRQTFTGHESDINAICFFPNGNAF
ATGSDDATCRLFDLRADQELMTYSHDNIICGITSVSFSKSGRLLLAGYDDFNCNVWDALKADRAGVLAGHDNRVSCLGVT
DDGMAVATGSWDSFLKIWN
;
B
3 'polypeptide(L)' NTASIAQARKLVEQLKMEANIDRIKVSKAAADLMAYCEAHAKEDPLLTPVPASENPFR G
4 'polypeptide(L)'
;CTLSAEDKAAVERSKMIDRNLREDGEKARRELKLLLLGTGESGKSTFIKQMRIIHGSGYSDEDKRGFTKLVYQNIFTAMQ
AMIRAMDTLKIPYKHEHNKAHAQLVREVDVEKVSTFENPYVDAIRSLWSDPGIQECYDRRREYQLSDSTKYYLNDLDRIA
DSTYLPTQQDVLRVRVPTTGIIEYPFDLQSVIFRMVDVGGQRSERRKWIHCFENVTSIMFLVALSEYDQVLVESDNENRM
EESKALFRTIITYPWFQNSSVILFLNKKDLLEEKIMYSHLVDYFPEYDGPQRDAQAAREFILKMFVDLNPDSDKILYSHF
TCATDTENIRFVFAAVKDTILQLNLKEYNLV
;
A
5 'polypeptide(L)'
;DVQLVESGGGLVQPGGSRKLSCSASGFAFSSFGMHWVRQAPEKGLEWVAYISSGSGTIYYADTVKGRFTISRDDPKNTLF
LQMTSLRSEDTAMYYCVRSIYYYGSSPFDFWGQGTTLTVSSGGGGSGGGGSGGGGSDIVMTQATSSVPVTPGESVSISCR
SSKSLLHSNGNTYLYWFLQRPGQSPQLLIYRMSNLASGVPDRFSGSGSGTAFTLTISRLEAEDVGVYYCMQHLEYPLTFG
AGTKLELKAAA
;
C
#
loop_
_chem_comp.id
_chem_comp.type
_chem_comp.name
_chem_comp.formula
HSM non-polymer HISTAMINE 'C5 H9 N3'
#
# COMPACT_ATOMS: atom_id res chain seq x y z
N MET A 28 36.78 -6.77 47.48
CA MET A 28 35.82 -5.73 47.17
C MET A 28 34.58 -6.31 46.49
N PRO A 29 33.68 -6.90 47.27
CA PRO A 29 32.50 -7.56 46.68
C PRO A 29 31.62 -6.63 45.89
N LEU A 30 31.48 -5.37 46.31
CA LEU A 30 30.50 -4.48 45.68
C LEU A 30 30.77 -4.30 44.19
N VAL A 31 32.04 -4.12 43.81
CA VAL A 31 32.38 -3.96 42.40
C VAL A 31 31.98 -5.17 41.58
N VAL A 32 31.91 -6.35 42.18
CA VAL A 32 31.41 -7.53 41.51
C VAL A 32 29.93 -7.41 41.23
N VAL A 33 29.16 -6.97 42.23
CA VAL A 33 27.71 -6.93 42.07
C VAL A 33 27.31 -5.79 41.15
N LEU A 34 27.67 -4.57 41.53
CA LEU A 34 27.23 -3.39 40.79
C LEU A 34 27.61 -3.45 39.33
N SER A 35 28.85 -3.81 39.02
CA SER A 35 29.25 -3.95 37.63
C SER A 35 28.35 -4.95 36.91
N THR A 36 28.11 -6.11 37.53
CA THR A 36 27.16 -7.04 36.96
C THR A 36 25.86 -6.34 36.61
N ILE A 37 25.32 -5.58 37.57
CA ILE A 37 24.05 -4.89 37.37
C ILE A 37 24.13 -4.00 36.14
N CYS A 38 25.24 -3.28 35.96
CA CYS A 38 25.32 -2.45 34.77
C CYS A 38 25.58 -3.30 33.53
N LEU A 39 26.42 -4.32 33.65
CA LEU A 39 26.75 -5.12 32.48
C LEU A 39 25.51 -5.79 31.90
N VAL A 40 24.65 -6.31 32.77
CA VAL A 40 23.39 -6.88 32.30
C VAL A 40 22.46 -5.77 31.82
N THR A 41 22.53 -4.60 32.47
CA THR A 41 21.57 -3.54 32.15
C THR A 41 21.68 -3.12 30.70
N VAL A 42 22.90 -3.00 30.21
CA VAL A 42 23.08 -2.81 28.77
C VAL A 42 22.49 -4.01 28.03
N GLY A 43 23.00 -5.21 28.34
CA GLY A 43 22.67 -6.38 27.55
C GLY A 43 21.17 -6.53 27.30
N LEU A 44 20.40 -6.70 28.37
CA LEU A 44 18.96 -6.85 28.21
C LEU A 44 18.39 -5.72 27.38
N ASN A 45 18.67 -4.47 27.77
CA ASN A 45 18.17 -3.37 26.97
C ASN A 45 18.63 -3.47 25.54
N LEU A 46 19.94 -3.71 25.35
CA LEU A 46 20.44 -3.87 24.00
C LEU A 46 19.78 -5.07 23.33
N LEU A 47 19.61 -6.16 24.08
CA LEU A 47 18.91 -7.32 23.53
C LEU A 47 17.48 -6.97 23.17
N VAL A 48 16.82 -6.15 24.00
CA VAL A 48 15.51 -5.66 23.61
C VAL A 48 15.63 -4.79 22.38
N LEU A 49 16.61 -3.90 22.37
CA LEU A 49 16.81 -3.03 21.22
C LEU A 49 17.06 -3.86 19.97
N TYR A 50 18.03 -4.78 20.04
CA TYR A 50 18.30 -5.66 18.91
C TYR A 50 17.10 -6.53 18.58
N ALA A 51 16.20 -6.72 19.55
CA ALA A 51 15.00 -7.49 19.26
C ALA A 51 14.07 -6.73 18.32
N VAL A 52 13.96 -5.42 18.50
CA VAL A 52 12.96 -4.68 17.76
C VAL A 52 13.51 -4.21 16.43
N ARG A 53 14.68 -3.56 16.44
CA ARG A 53 15.18 -2.94 15.21
C ARG A 53 15.70 -3.98 14.23
N SER A 54 15.65 -5.26 14.57
CA SER A 54 16.06 -6.30 13.65
C SER A 54 14.88 -7.07 13.07
N GLU A 55 14.05 -7.64 13.94
CA GLU A 55 12.95 -8.50 13.53
C GLU A 55 11.72 -7.68 13.19
N ARG A 56 10.96 -8.16 12.22
CA ARG A 56 9.68 -7.53 11.92
C ARG A 56 8.59 -8.05 12.85
N LYS A 57 7.35 -7.72 12.50
CA LYS A 57 6.14 -8.13 13.22
C LYS A 57 6.10 -7.35 14.53
N LEU A 58 7.24 -6.84 14.95
CA LEU A 58 7.29 -5.98 16.13
C LEU A 58 7.34 -4.52 15.74
N HIS A 59 7.49 -4.24 14.45
CA HIS A 59 7.61 -2.88 13.92
C HIS A 59 6.22 -2.27 13.96
N THR A 60 5.71 -2.09 15.18
CA THR A 60 4.33 -1.69 15.42
C THR A 60 4.31 -0.44 16.29
N VAL A 61 3.12 -0.08 16.77
CA VAL A 61 2.94 1.22 17.40
C VAL A 61 3.55 1.26 18.80
N GLY A 62 3.09 0.38 19.70
CA GLY A 62 3.53 0.46 21.08
C GLY A 62 4.99 0.12 21.25
N ASN A 63 5.54 -0.68 20.35
CA ASN A 63 6.95 -0.99 20.44
C ASN A 63 7.84 0.22 20.24
N LEU A 64 7.33 1.31 19.66
CA LEU A 64 8.09 2.56 19.68
C LEU A 64 8.27 3.07 21.10
N TYR A 65 7.22 3.04 21.91
CA TYR A 65 7.34 3.38 23.31
C TYR A 65 8.30 2.43 24.01
N ILE A 66 8.19 1.14 23.70
CA ILE A 66 9.06 0.16 24.32
C ILE A 66 10.51 0.46 24.01
N VAL A 67 10.82 0.74 22.74
CA VAL A 67 12.21 0.97 22.36
C VAL A 67 12.70 2.29 22.93
N SER A 68 11.83 3.29 23.07
CA SER A 68 12.24 4.52 23.72
C SER A 68 12.64 4.28 25.16
N LEU A 69 11.82 3.53 25.89
CA LEU A 69 12.16 3.19 27.26
C LEU A 69 13.47 2.42 27.32
N SER A 70 13.64 1.46 26.40
CA SER A 70 14.85 0.64 26.43
C SER A 70 16.09 1.45 26.09
N VAL A 71 15.95 2.42 25.18
CA VAL A 71 17.08 3.28 24.82
C VAL A 71 17.46 4.15 26.00
N ALA A 72 16.48 4.73 26.68
CA ALA A 72 16.80 5.52 27.87
C ALA A 72 17.51 4.67 28.90
N ASP A 73 17.02 3.47 29.14
CA ASP A 73 17.66 2.62 30.12
C ASP A 73 19.05 2.21 29.68
N LEU A 74 19.26 2.02 28.38
CA LEU A 74 20.61 1.71 27.89
C LEU A 74 21.55 2.88 28.11
N ILE A 75 21.05 4.11 27.93
CA ILE A 75 21.89 5.28 28.21
C ILE A 75 22.26 5.31 29.69
N VAL A 76 21.29 5.01 30.56
CA VAL A 76 21.59 4.97 31.99
C VAL A 76 22.64 3.91 32.26
N GLY A 77 22.49 2.74 31.64
CA GLY A 77 23.41 1.65 31.90
C GLY A 77 24.80 1.91 31.33
N ALA A 78 24.88 2.77 30.32
CA ALA A 78 26.15 2.99 29.63
C ALA A 78 26.90 4.20 30.15
N VAL A 79 26.29 5.39 30.12
CA VAL A 79 26.99 6.64 30.39
C VAL A 79 26.86 7.04 31.85
N VAL A 80 25.92 6.43 32.58
CA VAL A 80 25.58 6.87 33.97
C VAL A 80 26.11 5.89 35.04
N MET A 81 25.95 4.58 34.84
CA MET A 81 26.35 3.61 35.86
C MET A 81 27.85 3.57 36.13
N PRO A 82 28.74 3.59 35.14
CA PRO A 82 30.18 3.52 35.45
C PRO A 82 30.67 4.64 36.34
N MET A 83 30.10 5.83 36.24
CA MET A 83 30.58 6.93 37.06
C MET A 83 30.25 6.69 38.54
N ASN A 84 29.05 6.17 38.81
CA ASN A 84 28.73 5.76 40.17
C ASN A 84 29.59 4.58 40.60
N ILE A 85 29.98 3.72 39.66
CA ILE A 85 30.99 2.71 39.96
C ILE A 85 32.26 3.37 40.45
N LEU A 86 32.64 4.48 39.83
CA LEU A 86 33.83 5.19 40.26
C LEU A 86 33.68 5.75 41.67
N TYR A 87 32.53 6.34 41.99
CA TYR A 87 32.30 6.76 43.38
C TYR A 87 32.41 5.60 44.35
N LEU A 88 31.66 4.52 44.12
CA LEU A 88 31.70 3.42 45.08
C LEU A 88 33.01 2.64 44.98
N LEU A 89 33.90 3.03 44.06
CA LEU A 89 35.23 2.47 44.01
C LEU A 89 36.26 3.43 44.59
N MET A 90 36.28 4.66 44.09
CA MET A 90 37.25 5.66 44.51
C MET A 90 36.72 6.47 45.69
N SER A 91 37.58 7.32 46.22
CA SER A 91 37.16 8.24 47.27
C SER A 91 36.76 9.61 46.73
N LYS A 92 36.89 9.83 45.43
CA LYS A 92 36.77 11.16 44.86
C LYS A 92 36.27 11.05 43.42
N TRP A 93 35.68 12.14 42.94
CA TRP A 93 35.43 12.32 41.50
C TRP A 93 36.75 12.72 40.84
N SER A 94 37.56 11.70 40.55
CA SER A 94 38.86 11.93 39.95
C SER A 94 38.78 12.46 38.53
N LEU A 95 37.60 12.39 37.92
CA LEU A 95 37.47 12.77 36.52
C LEU A 95 37.75 14.25 36.31
N GLY A 96 37.20 15.12 37.14
CA GLY A 96 37.32 16.54 36.93
C GLY A 96 35.96 17.19 36.69
N ARG A 97 35.94 18.52 36.82
CA ARG A 97 34.69 19.25 36.75
C ARG A 97 33.88 19.06 35.47
N PRO A 98 34.44 19.23 34.26
CA PRO A 98 33.59 19.08 33.07
C PRO A 98 33.05 17.67 32.91
N LEU A 99 33.81 16.66 33.32
CA LEU A 99 33.28 15.30 33.32
C LEU A 99 32.14 15.15 34.31
N CYS A 100 32.23 15.78 35.48
CA CYS A 100 31.11 15.75 36.42
C CYS A 100 29.88 16.41 35.82
N LEU A 101 30.06 17.56 35.18
CA LEU A 101 28.92 18.22 34.57
C LEU A 101 28.28 17.34 33.50
N PHE A 102 29.11 16.71 32.66
CA PHE A 102 28.57 15.86 31.61
C PHE A 102 27.87 14.63 32.19
N TRP A 103 28.45 14.01 33.21
CA TRP A 103 27.84 12.84 33.82
C TRP A 103 26.53 13.19 34.51
N LEU A 104 26.50 14.30 35.24
CA LEU A 104 25.26 14.74 35.86
C LEU A 104 24.22 15.03 34.82
N SER A 105 24.60 15.70 33.74
CA SER A 105 23.65 15.93 32.67
C SER A 105 23.09 14.62 32.17
N MET A 106 23.96 13.65 31.87
CA MET A 106 23.47 12.41 31.29
C MET A 106 22.63 11.62 32.27
N ASP A 107 23.00 11.59 33.55
CA ASP A 107 22.20 10.87 34.52
C ASP A 107 20.84 11.50 34.71
N TYR A 108 20.79 12.81 34.91
CA TYR A 108 19.50 13.44 35.10
C TYR A 108 18.65 13.31 33.85
N VAL A 109 19.23 13.53 32.68
CA VAL A 109 18.45 13.47 31.44
C VAL A 109 17.98 12.06 31.18
N ALA A 110 18.82 11.06 31.42
CA ALA A 110 18.45 9.70 31.11
C ALA A 110 17.43 9.15 32.12
N SER A 111 17.60 9.44 33.41
CA SER A 111 16.60 9.00 34.38
C SER A 111 15.28 9.70 34.15
N THR A 112 15.31 11.02 33.91
CA THR A 112 14.08 11.74 33.65
C THR A 112 13.41 11.25 32.38
N ALA A 113 14.19 10.95 31.34
CA ALA A 113 13.61 10.44 30.11
C ALA A 113 13.03 9.07 30.31
N SER A 114 13.68 8.23 31.12
CA SER A 114 13.11 6.93 31.42
C SER A 114 11.76 7.07 32.10
N ILE A 115 11.69 7.94 33.12
CA ILE A 115 10.42 8.12 33.81
C ILE A 115 9.36 8.66 32.86
N PHE A 116 9.71 9.65 32.05
CA PHE A 116 8.72 10.26 31.18
C PHE A 116 8.28 9.31 30.08
N SER A 117 9.19 8.44 29.63
CA SER A 117 8.82 7.44 28.63
C SER A 117 7.88 6.40 29.20
N VAL A 118 8.13 5.97 30.43
CA VAL A 118 7.17 5.09 31.10
C VAL A 118 5.84 5.79 31.26
N PHE A 119 5.86 7.09 31.54
CA PHE A 119 4.61 7.82 31.75
C PHE A 119 3.83 7.94 30.44
N ILE A 120 4.52 8.23 29.34
CA ILE A 120 3.81 8.32 28.07
C ILE A 120 3.28 6.97 27.66
N LEU A 121 4.01 5.89 27.95
CA LEU A 121 3.49 4.56 27.68
C LEU A 121 2.22 4.30 28.49
N CYS A 122 2.22 4.72 29.75
CA CYS A 122 1.02 4.53 30.57
C CYS A 122 -0.15 5.34 30.04
N ILE A 123 0.10 6.58 29.64
CA ILE A 123 -1.03 7.39 29.17
C ILE A 123 -1.55 6.81 27.86
N ASP A 124 -0.67 6.26 27.02
CA ASP A 124 -1.15 5.60 25.81
C ASP A 124 -2.01 4.39 26.13
N ARG A 125 -1.60 3.57 27.09
CA ARG A 125 -2.43 2.43 27.45
C ARG A 125 -3.79 2.88 27.98
N TYR A 126 -3.80 3.94 28.79
CA TYR A 126 -5.06 4.44 29.32
C TYR A 126 -5.97 4.91 28.21
N ARG A 127 -5.42 5.67 27.26
CA ARG A 127 -6.24 6.09 26.13
C ARG A 127 -6.70 4.90 25.32
N SER A 128 -5.87 3.86 25.22
CA SER A 128 -6.22 2.70 24.43
C SER A 128 -7.43 1.96 25.00
N VAL A 129 -7.45 1.76 26.32
CA VAL A 129 -8.47 0.92 27.01
C VAL A 129 -9.70 1.77 27.45
N GLN A 130 -9.56 3.10 27.49
CA GLN A 130 -10.70 3.93 27.88
C GLN A 130 -11.51 4.34 26.65
N GLN A 131 -10.92 4.37 25.47
CA GLN A 131 -11.61 4.99 24.30
C GLN A 131 -12.06 3.98 23.24
N PRO A 132 -13.23 4.26 22.64
CA PRO A 132 -13.71 3.45 21.51
C PRO A 132 -12.59 3.20 20.53
N LEU A 133 -11.81 4.22 20.21
CA LEU A 133 -10.66 4.14 19.34
C LEU A 133 -9.93 5.45 19.47
N ARG A 134 -8.64 5.44 19.15
CA ARG A 134 -7.92 6.69 18.92
C ARG A 134 -8.52 7.08 17.57
N TYR A 135 -9.75 7.60 17.65
CA TYR A 135 -10.63 7.64 16.49
C TYR A 135 -10.42 8.85 15.58
N LEU A 136 -9.68 9.86 16.01
CA LEU A 136 -9.30 10.95 15.14
C LEU A 136 -7.96 10.68 14.47
N LYS A 137 -7.63 9.40 14.24
CA LYS A 137 -6.35 8.97 13.64
C LYS A 137 -5.19 9.23 14.59
N TYR A 138 -5.38 8.89 15.87
CA TYR A 138 -4.39 9.20 16.89
C TYR A 138 -3.38 8.08 17.11
N ARG A 139 -3.68 6.87 16.65
CA ARG A 139 -2.84 5.71 16.93
C ARG A 139 -1.68 5.58 15.96
N THR A 140 -1.59 6.47 14.98
CA THR A 140 -0.60 6.33 13.91
C THR A 140 0.81 6.43 14.47
N LYS A 141 1.76 5.87 13.70
CA LYS A 141 3.14 5.81 14.15
C LYS A 141 3.80 7.19 14.20
N THR A 142 3.43 8.08 13.28
CA THR A 142 4.07 9.39 13.27
C THR A 142 3.74 10.17 14.54
N ARG A 143 2.49 10.14 14.98
CA ARG A 143 2.15 10.79 16.24
C ARG A 143 2.81 10.13 17.43
N ALA A 144 2.91 8.80 17.45
CA ALA A 144 3.64 8.15 18.51
C ALA A 144 5.07 8.68 18.58
N SER A 145 5.79 8.64 17.45
CA SER A 145 7.16 9.12 17.41
C SER A 145 7.25 10.57 17.85
N ALA A 146 6.25 11.38 17.48
CA ALA A 146 6.20 12.75 17.95
C ALA A 146 6.09 12.80 19.46
N THR A 147 5.29 11.90 20.05
CA THR A 147 5.17 11.87 21.50
C THR A 147 6.49 11.51 22.16
N ILE A 148 7.21 10.53 21.62
CA ILE A 148 8.53 10.23 22.19
C ILE A 148 9.45 11.43 22.06
N LEU A 149 9.43 12.11 20.91
CA LEU A 149 10.27 13.28 20.74
C LEU A 149 9.95 14.34 21.75
N GLY A 150 8.66 14.59 21.99
CA GLY A 150 8.28 15.61 22.95
C GLY A 150 8.67 15.26 24.37
N ALA A 151 8.46 14.01 24.75
CA ALA A 151 8.86 13.58 26.09
C ALA A 151 10.36 13.70 26.29
N TRP A 152 11.12 13.24 25.30
CA TRP A 152 12.58 13.33 25.42
C TRP A 152 13.03 14.78 25.42
N PHE A 153 12.36 15.64 24.67
CA PHE A 153 12.70 17.06 24.71
C PHE A 153 12.46 17.64 26.10
N LEU A 154 11.27 17.43 26.65
CA LEU A 154 10.97 17.98 27.97
C LEU A 154 11.89 17.42 29.02
N SER A 155 12.40 16.19 28.81
CA SER A 155 13.46 15.70 29.68
C SER A 155 14.78 16.40 29.39
N PHE A 156 15.02 16.76 28.14
CA PHE A 156 16.29 17.32 27.73
C PHE A 156 16.48 18.75 28.22
N LEU A 157 15.43 19.37 28.73
CA LEU A 157 15.59 20.66 29.39
C LEU A 157 16.40 20.54 30.66
N TRP A 158 16.68 19.33 31.12
CA TRP A 158 17.51 19.15 32.29
C TRP A 158 18.96 19.49 32.03
N VAL A 159 19.31 19.87 30.80
CA VAL A 159 20.69 20.23 30.52
C VAL A 159 21.04 21.57 31.15
N ILE A 160 20.13 22.54 31.11
CA ILE A 160 20.46 23.89 31.53
C ILE A 160 20.80 24.01 33.01
N PRO A 161 19.99 23.50 33.95
CA PRO A 161 20.21 23.87 35.36
C PRO A 161 21.55 23.41 35.88
N ILE A 162 22.04 22.26 35.43
CA ILE A 162 23.37 21.81 35.84
C ILE A 162 24.43 22.77 35.34
N LEU A 163 24.23 23.30 34.14
CA LEU A 163 25.10 24.36 33.63
C LEU A 163 24.61 25.73 34.05
N GLY A 164 23.57 25.81 34.87
CA GLY A 164 23.09 27.06 35.42
C GLY A 164 23.70 27.34 36.78
N TRP A 165 24.99 27.71 36.78
CA TRP A 165 25.62 28.21 38.00
C TRP A 165 25.34 29.67 38.26
N ASN A 166 24.72 30.36 37.32
CA ASN A 166 24.35 31.76 37.46
C ASN A 166 22.94 31.97 38.00
N HIS A 167 22.37 30.96 38.66
CA HIS A 167 21.11 31.14 39.39
C HIS A 167 21.17 30.61 40.82
N PHE A 168 22.23 29.88 41.17
CA PHE A 168 22.43 29.36 42.53
C PHE A 168 23.75 29.90 43.06
N MET A 169 23.90 31.23 43.01
CA MET A 169 25.19 31.88 43.25
C MET A 169 25.77 31.56 44.61
N GLN A 170 24.96 31.04 45.54
CA GLN A 170 25.43 30.81 46.91
C GLN A 170 26.42 29.65 46.99
N GLN A 171 26.55 28.83 45.94
CA GLN A 171 27.36 27.63 46.01
C GLN A 171 28.35 27.52 44.85
N THR A 172 28.63 28.62 44.14
CA THR A 172 29.45 28.56 42.94
C THR A 172 30.93 28.38 43.27
N SER A 173 31.38 28.90 44.41
CA SER A 173 32.76 28.73 44.86
C SER A 173 32.90 27.53 45.79
N VAL A 174 31.85 26.73 45.93
CA VAL A 174 31.82 25.60 46.86
C VAL A 174 32.11 24.33 46.09
N ARG A 175 33.20 23.65 46.45
CA ARG A 175 33.55 22.36 45.89
C ARG A 175 33.87 21.42 47.04
N ARG A 176 33.25 20.24 47.04
CA ARG A 176 33.40 19.30 48.13
C ARG A 176 33.95 17.98 47.62
N GLU A 177 34.74 17.32 48.47
CA GLU A 177 35.40 16.10 48.05
C GLU A 177 34.43 14.93 47.91
N ASP A 178 33.50 14.77 48.86
CA ASP A 178 32.71 13.55 48.92
C ASP A 178 31.83 13.38 47.69
N LYS A 179 31.30 14.47 47.15
CA LYS A 179 30.51 14.42 45.93
C LYS A 179 31.11 15.42 44.97
N CYS A 180 30.75 15.31 43.69
CA CYS A 180 31.11 16.36 42.73
C CYS A 180 30.13 17.51 42.71
N GLU A 181 29.17 17.54 43.65
CA GLU A 181 28.41 18.76 43.89
C GLU A 181 27.51 19.17 42.72
N THR A 182 26.37 18.49 42.59
CA THR A 182 25.41 18.76 41.53
C THR A 182 25.09 20.24 41.36
N ASP A 183 25.42 21.09 42.34
CA ASP A 183 25.36 22.54 42.26
C ASP A 183 23.96 23.12 42.33
N PHE A 184 22.97 22.33 42.75
CA PHE A 184 21.72 22.91 43.23
C PHE A 184 21.21 22.16 44.46
N TYR A 185 22.09 21.43 45.15
CA TYR A 185 21.64 20.45 46.13
C TYR A 185 20.96 21.12 47.33
N ASP A 186 21.26 22.38 47.59
CA ASP A 186 20.68 23.06 48.73
C ASP A 186 19.56 24.03 48.35
N VAL A 187 19.09 23.99 47.11
CA VAL A 187 18.03 24.86 46.64
C VAL A 187 16.71 24.15 46.90
N THR A 188 16.18 24.28 48.12
CA THR A 188 14.95 23.57 48.45
C THR A 188 13.81 23.98 47.54
N TRP A 189 13.82 25.23 47.07
CA TRP A 189 12.76 25.72 46.20
C TRP A 189 12.74 25.00 44.87
N PHE A 190 13.82 25.14 44.09
CA PHE A 190 13.91 24.50 42.79
C PHE A 190 13.82 22.99 42.91
N LYS A 191 14.38 22.44 43.99
CA LYS A 191 14.34 20.99 44.19
C LYS A 191 12.92 20.50 44.42
N VAL A 192 12.14 21.20 45.24
CA VAL A 192 10.75 20.81 45.46
C VAL A 192 9.96 20.94 44.19
N MET A 193 10.17 22.04 43.44
CA MET A 193 9.45 22.21 42.20
C MET A 193 9.78 21.09 41.21
N THR A 194 11.05 20.70 41.16
CA THR A 194 11.47 19.60 40.32
C THR A 194 10.78 18.30 40.72
N ALA A 195 10.79 17.99 42.01
CA ALA A 195 10.16 16.76 42.47
C ALA A 195 8.66 16.77 42.16
N ILE A 196 8.03 17.93 42.23
CA ILE A 196 6.62 18.03 41.89
C ILE A 196 6.41 17.76 40.41
N ILE A 197 7.22 18.40 39.56
CA ILE A 197 6.91 18.39 38.13
C ILE A 197 7.54 17.19 37.44
N ASN A 198 8.30 16.38 38.16
CA ASN A 198 9.08 15.38 37.47
C ASN A 198 8.66 13.96 37.84
N PHE A 199 8.42 13.69 39.11
CA PHE A 199 8.10 12.33 39.53
C PHE A 199 6.75 12.21 40.22
N TYR A 200 6.42 13.14 41.11
CA TYR A 200 5.18 12.99 41.87
C TYR A 200 3.95 13.21 41.00
N LEU A 201 3.96 14.25 40.17
CA LEU A 201 2.84 14.44 39.25
C LEU A 201 2.72 13.28 38.28
N PRO A 202 3.77 12.87 37.57
CA PRO A 202 3.64 11.67 36.73
C PRO A 202 3.27 10.41 37.50
N THR A 203 3.76 10.21 38.71
CA THR A 203 3.42 8.96 39.41
C THR A 203 1.96 8.96 39.83
N LEU A 204 1.47 10.07 40.37
CA LEU A 204 0.05 10.13 40.69
C LEU A 204 -0.82 9.94 39.46
N LEU A 205 -0.44 10.56 38.34
CA LEU A 205 -1.23 10.35 37.14
C LEU A 205 -1.12 8.91 36.64
N MET A 206 0.05 8.30 36.81
CA MET A 206 0.19 6.88 36.50
C MET A 206 -0.83 6.05 37.25
N LEU A 207 -0.92 6.28 38.56
CA LEU A 207 -1.85 5.53 39.38
C LEU A 207 -3.28 5.79 38.95
N TRP A 208 -3.60 7.04 38.66
CA TRP A 208 -4.94 7.38 38.20
C TRP A 208 -5.29 6.61 36.93
N PHE A 209 -4.37 6.61 35.96
CA PHE A 209 -4.64 5.99 34.68
C PHE A 209 -4.77 4.47 34.81
N TYR A 210 -3.87 3.84 35.55
CA TYR A 210 -3.96 2.39 35.66
C TYR A 210 -5.17 1.97 36.49
N ALA A 211 -5.56 2.75 37.49
CA ALA A 211 -6.79 2.44 38.20
C ALA A 211 -7.99 2.55 37.28
N LYS A 212 -8.01 3.57 36.42
CA LYS A 212 -9.10 3.68 35.46
C LYS A 212 -9.10 2.50 34.50
N ILE A 213 -7.91 2.04 34.07
CA ILE A 213 -7.84 0.87 33.21
C ILE A 213 -8.43 -0.35 33.89
N TYR A 214 -8.06 -0.55 35.15
CA TYR A 214 -8.58 -1.72 35.87
C TYR A 214 -10.07 -1.63 36.07
N LYS A 215 -10.60 -0.44 36.35
CA LYS A 215 -12.04 -0.28 36.48
C LYS A 215 -12.73 -0.44 35.13
N ALA A 216 -11.99 -0.26 34.04
CA ALA A 216 -12.53 -0.54 32.71
C ALA A 216 -12.54 -2.03 32.42
N VAL A 217 -11.53 -2.75 32.86
CA VAL A 217 -11.43 -4.17 32.54
C VAL A 217 -12.58 -4.95 33.15
N ARG A 218 -13.07 -4.51 34.31
CA ARG A 218 -14.06 -5.31 35.04
C ARG A 218 -15.47 -5.51 34.52
N GLN A 219 -15.58 -6.24 33.40
CA GLN A 219 -16.79 -6.30 32.58
C GLN A 219 -17.77 -7.38 33.03
N HIS A 220 -17.27 -8.56 33.40
CA HIS A 220 -18.10 -9.67 33.85
C HIS A 220 -19.18 -10.02 32.83
N CYS A 221 -18.79 -10.10 31.57
CA CYS A 221 -19.73 -10.43 30.51
C CYS A 221 -19.45 -11.81 29.93
N LEU A 405 -12.89 -15.00 28.32
CA LEU A 405 -12.27 -15.19 29.62
C LEU A 405 -13.16 -14.62 30.72
N HIS A 406 -13.52 -15.47 31.68
CA HIS A 406 -14.48 -15.12 32.70
C HIS A 406 -14.07 -15.37 34.15
N MET A 407 -13.89 -14.29 34.90
CA MET A 407 -13.51 -14.32 36.31
C MET A 407 -12.01 -14.50 36.52
N ASN A 408 -11.26 -14.70 35.43
CA ASN A 408 -9.80 -14.75 35.53
C ASN A 408 -9.14 -13.54 34.88
N ARG A 409 -9.86 -12.88 33.97
CA ARG A 409 -9.37 -11.65 33.35
C ARG A 409 -8.98 -10.62 34.41
N GLU A 410 -9.84 -10.44 35.41
CA GLU A 410 -9.58 -9.45 36.44
C GLU A 410 -8.31 -9.78 37.21
N ARG A 411 -8.11 -11.05 37.57
CA ARG A 411 -6.94 -11.42 38.36
C ARG A 411 -5.66 -11.27 37.54
N LYS A 412 -5.68 -11.66 36.27
CA LYS A 412 -4.51 -11.47 35.43
C LYS A 412 -4.17 -9.99 35.28
N ALA A 413 -5.19 -9.16 35.04
CA ALA A 413 -4.96 -7.73 34.91
C ALA A 413 -4.40 -7.16 36.20
N ALA A 414 -4.92 -7.60 37.35
CA ALA A 414 -4.39 -7.14 38.63
C ALA A 414 -2.92 -7.49 38.76
N LYS A 415 -2.56 -8.74 38.47
CA LYS A 415 -1.17 -9.15 38.56
C LYS A 415 -0.28 -8.25 37.72
N GLN A 416 -0.63 -8.09 36.44
CA GLN A 416 0.25 -7.33 35.54
C GLN A 416 0.33 -5.85 35.94
N LEU A 417 -0.83 -5.20 36.09
CA LEU A 417 -0.80 -3.76 36.34
C LEU A 417 -0.24 -3.44 37.72
N GLY A 418 -0.58 -4.23 38.72
CA GLY A 418 0.01 -4.03 40.04
C GLY A 418 1.51 -4.21 40.03
N PHE A 419 1.99 -5.23 39.31
CA PHE A 419 3.43 -5.42 39.21
C PHE A 419 4.09 -4.20 38.60
N ILE A 420 3.51 -3.68 37.52
CA ILE A 420 4.08 -2.51 36.85
C ILE A 420 4.15 -1.32 37.80
N MET A 421 3.00 -0.91 38.32
CA MET A 421 2.96 0.29 39.15
C MET A 421 3.78 0.12 40.41
N ALA A 422 3.78 -1.08 41.01
CA ALA A 422 4.55 -1.30 42.22
C ALA A 422 6.04 -1.21 41.95
N ALA A 423 6.51 -1.82 40.86
CA ALA A 423 7.91 -1.68 40.53
C ALA A 423 8.29 -0.22 40.39
N PHE A 424 7.48 0.54 39.64
CA PHE A 424 7.84 1.93 39.40
C PHE A 424 7.89 2.71 40.71
N ILE A 425 6.82 2.64 41.52
CA ILE A 425 6.81 3.47 42.72
C ILE A 425 7.86 3.01 43.72
N LEU A 426 7.99 1.70 43.96
CA LEU A 426 8.97 1.26 44.94
C LEU A 426 10.39 1.60 44.51
N CYS A 427 10.66 1.56 43.20
CA CYS A 427 11.99 1.92 42.76
C CYS A 427 12.24 3.41 42.91
N TRP A 428 11.27 4.24 42.58
CA TRP A 428 11.62 5.65 42.41
C TRP A 428 11.18 6.54 43.56
N ILE A 429 10.46 6.03 44.56
CA ILE A 429 10.21 6.84 45.76
C ILE A 429 11.47 7.11 46.57
N PRO A 430 12.22 6.09 47.04
CA PRO A 430 13.21 6.35 48.08
C PRO A 430 14.28 7.33 47.68
N TYR A 431 14.39 7.64 46.39
CA TYR A 431 15.33 8.64 45.93
C TYR A 431 14.73 10.04 45.92
N PHE A 432 13.57 10.20 45.28
CA PHE A 432 12.94 11.50 45.22
C PHE A 432 12.54 12.00 46.61
N ILE A 433 11.92 11.12 47.40
CA ILE A 433 11.49 11.51 48.74
C ILE A 433 12.70 11.88 49.59
N PHE A 434 13.87 11.30 49.31
CA PHE A 434 15.01 11.51 50.17
C PHE A 434 15.78 12.77 49.77
N PHE A 435 15.77 13.10 48.49
CA PHE A 435 16.44 14.36 48.17
C PHE A 435 15.51 15.55 48.43
N MET A 436 14.19 15.34 48.35
CA MET A 436 13.30 16.30 48.98
C MET A 436 13.59 16.46 50.47
N VAL A 437 14.15 15.44 51.12
CA VAL A 437 14.55 15.53 52.52
C VAL A 437 15.83 16.34 52.68
N ILE A 438 16.84 16.04 51.88
CA ILE A 438 18.09 16.80 52.04
C ILE A 438 17.87 18.26 51.71
N ALA A 439 16.75 18.57 51.04
CA ALA A 439 16.38 19.97 50.87
C ALA A 439 16.55 20.78 52.14
N PHE A 440 16.42 20.15 53.30
CA PHE A 440 16.66 20.84 54.57
C PHE A 440 17.50 20.06 55.57
N CYS A 441 17.61 18.74 55.45
CA CYS A 441 18.38 17.94 56.41
C CYS A 441 19.87 18.12 56.14
N LYS A 442 20.56 18.75 57.08
CA LYS A 442 22.01 18.88 56.99
C LYS A 442 22.74 17.80 57.78
N ASN A 443 22.00 17.00 58.56
CA ASN A 443 22.59 16.01 59.44
C ASN A 443 22.33 14.57 58.99
N CYS A 444 22.02 14.35 57.70
CA CYS A 444 21.64 13.03 57.22
C CYS A 444 22.82 12.18 56.74
N CYS A 445 24.06 12.67 56.83
CA CYS A 445 25.21 11.98 56.24
C CYS A 445 24.63 11.52 54.91
N ASN A 446 24.30 12.50 54.07
CA ASN A 446 23.38 12.15 52.99
C ASN A 446 24.08 11.50 51.80
N GLU A 447 25.41 11.50 51.76
CA GLU A 447 26.09 10.94 50.60
C GLU A 447 25.84 9.44 50.48
N HIS A 448 25.89 8.72 51.59
CA HIS A 448 25.77 7.26 51.55
C HIS A 448 24.35 6.85 51.14
N LEU A 449 23.34 7.43 51.78
CA LEU A 449 21.98 7.12 51.37
C LEU A 449 21.71 7.65 49.97
N HIS A 450 22.38 8.73 49.57
CA HIS A 450 22.28 9.18 48.19
C HIS A 450 22.69 8.09 47.23
N MET A 451 23.88 7.53 47.43
CA MET A 451 24.35 6.54 46.48
C MET A 451 23.45 5.31 46.50
N PHE A 452 22.97 4.91 47.68
CA PHE A 452 22.08 3.77 47.77
C PHE A 452 20.78 4.02 47.00
N THR A 453 20.16 5.19 47.23
CA THR A 453 18.88 5.47 46.58
C THR A 453 19.02 5.67 45.09
N ILE A 454 20.07 6.35 44.62
CA ILE A 454 20.23 6.52 43.19
C ILE A 454 20.50 5.18 42.54
N TRP A 455 21.17 4.27 43.25
CA TRP A 455 21.35 2.95 42.71
C TRP A 455 20.02 2.20 42.62
N LEU A 456 19.16 2.36 43.62
CA LEU A 456 17.81 1.79 43.51
C LEU A 456 17.08 2.38 42.31
N GLY A 457 17.26 3.66 42.06
CA GLY A 457 16.61 4.29 40.91
C GLY A 457 17.14 3.76 39.60
N TYR A 458 18.43 3.45 39.55
CA TYR A 458 18.98 2.85 38.34
C TYR A 458 18.51 1.42 38.16
N ILE A 459 18.23 0.72 39.26
CA ILE A 459 17.77 -0.67 39.15
C ILE A 459 16.50 -0.76 38.32
N ASN A 460 15.59 0.20 38.44
CA ASN A 460 14.38 0.16 37.63
C ASN A 460 14.71 0.20 36.15
N SER A 461 15.82 0.86 35.79
CA SER A 461 16.23 0.87 34.39
C SER A 461 16.54 -0.51 33.86
N THR A 462 17.21 -1.35 34.64
CA THR A 462 17.45 -2.71 34.17
C THR A 462 16.25 -3.63 34.39
N LEU A 463 15.34 -3.25 35.28
CA LEU A 463 14.13 -4.06 35.46
C LEU A 463 13.12 -3.85 34.34
N ASN A 464 13.07 -2.65 33.76
CA ASN A 464 12.08 -2.36 32.73
C ASN A 464 12.10 -3.36 31.57
N PRO A 465 13.25 -3.75 31.01
CA PRO A 465 13.21 -4.74 29.93
C PRO A 465 12.53 -6.04 30.31
N LEU A 466 12.46 -6.35 31.59
CA LEU A 466 11.77 -7.54 32.06
C LEU A 466 10.33 -7.29 32.43
N ILE A 467 9.83 -6.07 32.27
CA ILE A 467 8.50 -5.71 32.70
C ILE A 467 7.59 -5.34 31.52
N TYR A 468 7.91 -4.25 30.83
CA TYR A 468 7.02 -3.76 29.79
C TYR A 468 7.13 -4.59 28.51
N PRO A 469 8.34 -4.68 27.94
CA PRO A 469 8.49 -5.38 26.65
C PRO A 469 8.38 -6.92 26.73
N LEU A 470 8.51 -7.50 27.94
CA LEU A 470 8.46 -8.94 28.09
C LEU A 470 7.04 -9.47 28.02
N CYS A 471 6.04 -8.63 28.30
CA CYS A 471 4.65 -9.03 28.28
C CYS A 471 3.83 -8.30 27.22
N ASN A 472 4.38 -8.14 26.01
CA ASN A 472 3.61 -7.54 24.94
C ASN A 472 3.34 -8.52 23.80
N GLU A 473 4.40 -9.07 23.21
CA GLU A 473 4.28 -10.06 22.15
C GLU A 473 4.94 -11.37 22.53
N ASN A 474 5.34 -11.50 23.79
CA ASN A 474 5.89 -12.69 24.42
C ASN A 474 7.32 -12.96 23.94
N PHE A 475 7.71 -12.36 22.81
CA PHE A 475 9.10 -12.20 22.37
C PHE A 475 9.91 -13.50 22.44
N LYS A 476 9.25 -14.65 22.61
CA LYS A 476 9.98 -15.87 22.94
C LYS A 476 10.84 -16.32 21.77
N LYS A 477 10.26 -16.37 20.57
CA LYS A 477 11.02 -16.77 19.39
C LYS A 477 12.18 -15.82 19.15
N THR A 478 11.94 -14.52 19.31
CA THR A 478 12.98 -13.53 19.13
C THR A 478 14.14 -13.74 20.11
N PHE A 479 13.83 -13.83 21.40
CA PHE A 479 14.88 -14.03 22.39
C PHE A 479 15.64 -15.33 22.14
N LYS A 480 14.93 -16.40 21.78
CA LYS A 480 15.62 -17.66 21.52
C LYS A 480 16.53 -17.55 20.31
N ARG A 481 16.11 -16.84 19.27
CA ARG A 481 16.96 -16.78 18.09
C ARG A 481 18.18 -15.88 18.29
N ILE A 482 18.02 -14.70 18.86
CA ILE A 482 19.09 -13.71 18.78
C ILE A 482 19.67 -13.40 20.16
N LEU A 483 19.74 -14.42 21.02
CA LEU A 483 20.29 -14.22 22.36
C LEU A 483 21.76 -13.84 22.34
N HIS A 484 22.47 -14.14 21.25
CA HIS A 484 23.91 -13.90 21.19
C HIS A 484 24.28 -12.55 20.60
N ILE A 485 23.35 -11.60 20.53
CA ILE A 485 23.60 -10.26 19.99
C ILE A 485 24.16 -10.33 18.57
N SER B 1 -24.78 -49.45 -17.58
CA SER B 1 -24.74 -48.13 -16.97
C SER B 1 -23.73 -47.23 -17.67
N GLU B 2 -24.24 -46.21 -18.35
CA GLU B 2 -23.36 -45.29 -19.09
C GLU B 2 -22.44 -44.52 -18.17
N LEU B 3 -22.96 -44.05 -17.03
CA LEU B 3 -22.12 -43.29 -16.10
C LEU B 3 -20.98 -44.13 -15.58
N ASP B 4 -21.25 -45.38 -15.21
CA ASP B 4 -20.20 -46.28 -14.73
C ASP B 4 -19.17 -46.58 -15.82
N GLN B 5 -19.62 -46.82 -17.05
CA GLN B 5 -18.68 -47.07 -18.14
C GLN B 5 -17.79 -45.86 -18.39
N LEU B 6 -18.38 -44.66 -18.39
CA LEU B 6 -17.58 -43.46 -18.59
C LEU B 6 -16.57 -43.26 -17.45
N ARG B 7 -17.00 -43.48 -16.22
CA ARG B 7 -16.08 -43.36 -15.09
C ARG B 7 -14.95 -44.37 -15.20
N GLN B 8 -15.26 -45.61 -15.57
CA GLN B 8 -14.22 -46.62 -15.75
C GLN B 8 -13.24 -46.21 -16.82
N GLU B 9 -13.74 -45.76 -17.97
CA GLU B 9 -12.85 -45.38 -19.06
C GLU B 9 -11.95 -44.22 -18.65
N ALA B 10 -12.50 -43.25 -17.93
CA ALA B 10 -11.67 -42.18 -17.38
C ALA B 10 -10.62 -42.74 -16.43
N GLU B 11 -10.97 -43.80 -15.68
CA GLU B 11 -10.01 -44.38 -14.76
C GLU B 11 -8.82 -45.00 -15.48
N GLN B 12 -9.08 -45.82 -16.51
CA GLN B 12 -7.92 -46.37 -17.21
C GLN B 12 -7.20 -45.31 -18.04
N LEU B 13 -7.90 -44.24 -18.45
CA LEU B 13 -7.18 -43.13 -19.06
C LEU B 13 -6.22 -42.49 -18.07
N LYS B 14 -6.66 -42.31 -16.82
CA LYS B 14 -5.76 -41.79 -15.79
C LYS B 14 -4.59 -42.74 -15.56
N ASN B 15 -4.86 -44.05 -15.58
CA ASN B 15 -3.79 -45.02 -15.44
C ASN B 15 -2.79 -44.92 -16.59
N GLN B 16 -3.28 -44.73 -17.82
CA GLN B 16 -2.40 -44.54 -18.95
C GLN B 16 -1.57 -43.28 -18.78
N ILE B 17 -2.19 -42.21 -18.29
CA ILE B 17 -1.46 -40.97 -18.02
C ILE B 17 -0.33 -41.22 -17.03
N ARG B 18 -0.64 -41.90 -15.93
CA ARG B 18 0.37 -42.15 -14.92
C ARG B 18 1.50 -43.02 -15.47
N ASP B 19 1.15 -44.05 -16.24
CA ASP B 19 2.16 -44.91 -16.85
C ASP B 19 3.08 -44.12 -17.77
N ALA B 20 2.50 -43.27 -18.62
CA ALA B 20 3.31 -42.47 -19.53
C ALA B 20 4.21 -41.53 -18.77
N ARG B 21 3.67 -40.88 -17.73
CA ARG B 21 4.47 -39.95 -16.95
C ARG B 21 5.64 -40.65 -16.29
N LYS B 22 5.40 -41.83 -15.72
CA LYS B 22 6.48 -42.59 -15.11
C LYS B 22 7.51 -43.01 -16.14
N ALA B 23 7.05 -43.43 -17.33
CA ALA B 23 7.98 -43.91 -18.36
C ALA B 23 8.95 -42.82 -18.80
N CYS B 24 8.47 -41.59 -18.93
CA CYS B 24 9.30 -40.49 -19.39
C CYS B 24 10.21 -39.95 -18.30
N ALA B 25 10.05 -40.40 -17.06
CA ALA B 25 10.86 -39.91 -15.93
C ALA B 25 12.13 -40.75 -15.83
N ASP B 26 13.08 -40.45 -16.71
CA ASP B 26 14.38 -41.10 -16.70
C ASP B 26 15.39 -40.41 -15.78
N ALA B 27 15.04 -39.25 -15.26
CA ALA B 27 15.84 -38.55 -14.28
C ALA B 27 14.97 -37.46 -13.67
N THR B 28 15.47 -36.83 -12.62
CA THR B 28 14.85 -35.62 -12.11
C THR B 28 15.76 -34.44 -12.39
N LEU B 29 15.20 -33.24 -12.23
CA LEU B 29 15.99 -32.04 -12.46
C LEU B 29 17.21 -31.99 -11.56
N SER B 30 17.04 -32.28 -10.27
CA SER B 30 18.16 -32.20 -9.34
C SER B 30 19.20 -33.28 -9.58
N GLN B 31 18.90 -34.29 -10.40
CA GLN B 31 19.92 -35.24 -10.80
C GLN B 31 20.81 -34.75 -11.93
N ILE B 32 20.41 -33.68 -12.62
CA ILE B 32 21.17 -33.17 -13.76
C ILE B 32 21.72 -31.79 -13.48
N THR B 33 21.11 -31.07 -12.54
CA THR B 33 21.58 -29.75 -12.17
C THR B 33 22.52 -29.76 -10.97
N ASN B 34 22.94 -30.94 -10.51
CA ASN B 34 23.93 -30.99 -9.45
C ASN B 34 25.29 -30.49 -9.89
N ASN B 35 25.63 -30.64 -11.17
CA ASN B 35 26.94 -30.27 -11.69
C ASN B 35 26.93 -28.92 -12.39
N ILE B 36 26.10 -27.99 -11.95
CA ILE B 36 26.04 -26.67 -12.54
C ILE B 36 26.55 -25.67 -11.51
N ASP B 37 27.15 -24.59 -12.02
CA ASP B 37 27.73 -23.59 -11.15
C ASP B 37 26.63 -22.89 -10.37
N PRO B 38 26.74 -22.81 -9.04
CA PRO B 38 25.74 -22.08 -8.26
C PRO B 38 25.83 -20.60 -8.51
N VAL B 39 24.71 -19.92 -8.27
CA VAL B 39 24.68 -18.47 -8.45
C VAL B 39 25.61 -17.78 -7.47
N GLY B 40 25.51 -18.12 -6.20
CA GLY B 40 26.27 -17.42 -5.19
C GLY B 40 25.45 -16.33 -4.53
N ARG B 41 26.04 -15.77 -3.47
CA ARG B 41 25.37 -14.80 -2.62
C ARG B 41 25.23 -13.46 -3.36
N ILE B 42 24.02 -13.20 -3.82
CA ILE B 42 23.69 -11.95 -4.51
C ILE B 42 22.61 -11.24 -3.70
N GLN B 43 22.89 -10.01 -3.30
CA GLN B 43 21.98 -9.24 -2.46
C GLN B 43 21.51 -8.01 -3.22
N MET B 44 20.19 -7.82 -3.26
CA MET B 44 19.59 -6.68 -3.92
C MET B 44 19.03 -5.72 -2.88
N ARG B 45 19.15 -4.43 -3.15
CA ARG B 45 18.82 -3.43 -2.16
C ARG B 45 17.70 -2.51 -2.65
N THR B 46 16.87 -2.08 -1.71
CA THR B 46 15.75 -1.21 -2.03
C THR B 46 16.22 0.10 -2.64
N ARG B 47 15.93 0.31 -3.91
CA ARG B 47 16.36 1.52 -4.59
C ARG B 47 15.37 2.67 -4.47
N ARG B 48 14.08 2.39 -4.48
CA ARG B 48 13.05 3.39 -4.24
C ARG B 48 11.98 2.78 -3.36
N THR B 49 11.21 3.63 -2.69
CA THR B 49 10.04 3.21 -1.93
C THR B 49 8.87 4.07 -2.35
N LEU B 50 7.88 3.45 -2.99
CA LEU B 50 6.73 4.16 -3.50
C LEU B 50 5.67 4.21 -2.41
N ARG B 51 5.50 5.38 -1.80
CA ARG B 51 4.55 5.58 -0.72
C ARG B 51 3.48 6.56 -1.15
N GLY B 52 2.30 6.41 -0.58
CA GLY B 52 1.16 7.19 -1.00
C GLY B 52 -0.13 6.40 -0.90
N HIS B 53 -0.01 5.08 -0.85
CA HIS B 53 -1.17 4.27 -0.53
C HIS B 53 -1.50 4.40 0.96
N LEU B 54 -2.75 4.12 1.30
CA LEU B 54 -3.18 4.14 2.69
C LEU B 54 -3.46 2.81 3.35
N ALA B 55 -4.08 1.89 2.63
CA ALA B 55 -4.27 0.52 3.08
C ALA B 55 -3.43 -0.43 2.25
N LYS B 56 -3.60 -1.71 2.52
CA LYS B 56 -2.75 -2.75 1.92
C LYS B 56 -2.75 -2.64 0.41
N ILE B 57 -1.67 -3.12 -0.20
CA ILE B 57 -1.54 -3.18 -1.65
C ILE B 57 -1.82 -4.60 -2.12
N TYR B 58 -2.81 -4.77 -2.99
CA TYR B 58 -3.25 -6.11 -3.34
C TYR B 58 -2.59 -6.69 -4.57
N ALA B 59 -2.30 -5.90 -5.60
CA ALA B 59 -1.58 -6.42 -6.74
C ALA B 59 -1.00 -5.27 -7.54
N MET B 60 -0.07 -5.61 -8.43
CA MET B 60 0.68 -4.61 -9.15
C MET B 60 1.22 -5.23 -10.43
N HIS B 61 1.61 -4.40 -11.38
CA HIS B 61 2.01 -4.92 -12.68
C HIS B 61 2.80 -3.87 -13.43
N TRP B 62 3.98 -4.24 -13.90
CA TRP B 62 4.82 -3.33 -14.66
C TRP B 62 4.29 -3.19 -16.08
N GLY B 63 4.38 -1.99 -16.64
CA GLY B 63 4.09 -1.81 -18.03
C GLY B 63 5.11 -2.51 -18.90
N THR B 64 4.87 -2.46 -20.21
CA THR B 64 5.80 -3.08 -21.13
C THR B 64 7.14 -2.35 -21.20
N ASP B 65 7.15 -1.04 -21.15
CA ASP B 65 8.38 -0.27 -21.17
C ASP B 65 9.20 -0.46 -19.90
N SER B 66 8.63 -1.08 -18.87
CA SER B 66 9.35 -1.43 -17.66
C SER B 66 9.67 -0.25 -16.75
N ARG B 67 9.04 0.88 -17.01
CA ARG B 67 9.28 2.03 -16.16
C ARG B 67 8.05 2.32 -15.31
N LEU B 68 6.90 2.44 -15.96
CA LEU B 68 5.65 2.75 -15.29
C LEU B 68 5.18 1.54 -14.50
N LEU B 69 4.32 1.77 -13.52
CA LEU B 69 3.98 0.73 -12.58
C LEU B 69 2.60 0.97 -11.99
N VAL B 70 1.64 0.11 -12.28
CA VAL B 70 0.29 0.28 -11.78
C VAL B 70 0.08 -0.60 -10.57
N SER B 71 -0.43 -0.01 -9.50
CA SER B 71 -0.64 -0.75 -8.26
C SER B 71 -2.02 -0.44 -7.71
N ALA B 72 -2.72 -1.48 -7.29
CA ALA B 72 -4.08 -1.35 -6.82
C ALA B 72 -4.15 -1.69 -5.33
N SER B 73 -4.79 -0.81 -4.56
CA SER B 73 -4.77 -0.99 -3.11
C SER B 73 -6.18 -1.08 -2.58
N GLN B 74 -6.27 -1.49 -1.32
CA GLN B 74 -7.56 -1.65 -0.66
C GLN B 74 -8.22 -0.29 -0.50
N ASP B 75 -7.44 0.76 -0.70
CA ASP B 75 -7.92 2.14 -0.61
C ASP B 75 -9.03 2.45 -1.59
N GLY B 76 -9.37 1.52 -2.48
CA GLY B 76 -10.25 1.83 -3.58
C GLY B 76 -9.60 2.67 -4.64
N LYS B 77 -8.28 2.56 -4.78
CA LYS B 77 -7.55 3.37 -5.75
C LYS B 77 -6.47 2.56 -6.43
N LEU B 78 -6.31 2.84 -7.73
CA LEU B 78 -5.12 2.47 -8.48
C LEU B 78 -4.21 3.67 -8.54
N ILE B 79 -2.93 3.43 -8.48
CA ILE B 79 -1.94 4.47 -8.64
C ILE B 79 -0.96 4.02 -9.69
N ILE B 80 -0.76 4.86 -10.71
CA ILE B 80 0.19 4.62 -11.84
C ILE B 80 1.46 5.41 -11.55
N TRP B 81 2.50 4.72 -11.07
CA TRP B 81 3.75 5.32 -10.64
C TRP B 81 4.76 5.38 -11.77
N ASP B 82 5.78 6.20 -11.56
CA ASP B 82 6.98 6.27 -12.38
C ASP B 82 8.14 5.73 -11.57
N SER B 83 8.45 4.45 -11.75
CA SER B 83 9.37 3.79 -10.84
C SER B 83 10.79 4.34 -10.89
N TYR B 84 11.14 5.14 -11.89
CA TYR B 84 12.45 5.78 -11.90
C TYR B 84 12.54 6.98 -10.99
N THR B 85 11.49 7.76 -10.88
CA THR B 85 11.55 8.97 -10.08
C THR B 85 10.52 9.02 -8.97
N THR B 86 9.80 7.94 -8.73
CA THR B 86 8.81 7.78 -7.68
C THR B 86 7.63 8.74 -7.83
N ASN B 87 7.61 9.57 -8.86
CA ASN B 87 6.48 10.46 -9.07
C ASN B 87 5.26 9.67 -9.49
N LYS B 88 4.15 9.91 -8.82
CA LYS B 88 2.89 9.33 -9.26
C LYS B 88 2.48 9.96 -10.57
N VAL B 89 2.17 9.13 -11.55
CA VAL B 89 1.70 9.62 -12.83
C VAL B 89 0.20 9.81 -12.82
N HIS B 90 -0.53 8.82 -12.34
CA HIS B 90 -1.98 8.94 -12.23
C HIS B 90 -2.47 8.37 -10.91
N ALA B 91 -3.61 8.89 -10.45
CA ALA B 91 -4.34 8.28 -9.36
C ALA B 91 -5.77 8.08 -9.82
N ILE B 92 -6.18 6.83 -9.92
CA ILE B 92 -7.50 6.48 -10.43
C ILE B 92 -8.37 6.06 -9.26
N PRO B 93 -9.44 6.78 -8.96
CA PRO B 93 -10.41 6.28 -7.99
C PRO B 93 -11.29 5.24 -8.64
N LEU B 94 -11.94 4.43 -7.81
CA LEU B 94 -12.69 3.28 -8.29
C LEU B 94 -14.17 3.43 -8.02
N ARG B 95 -14.98 2.85 -8.91
CA ARG B 95 -16.42 2.81 -8.69
C ARG B 95 -16.76 1.97 -7.48
N SER B 96 -16.11 0.84 -7.32
CA SER B 96 -16.26 -0.03 -6.15
C SER B 96 -14.90 -0.22 -5.52
N SER B 97 -14.79 0.10 -4.24
CA SER B 97 -13.50 0.10 -3.58
C SER B 97 -12.95 -1.29 -3.33
N TRP B 98 -13.58 -2.33 -3.89
CA TRP B 98 -13.14 -3.70 -3.64
C TRP B 98 -12.38 -4.22 -4.86
N VAL B 99 -11.09 -3.91 -4.89
CA VAL B 99 -10.24 -4.28 -6.02
C VAL B 99 -9.25 -5.34 -5.55
N MET B 100 -9.14 -6.42 -6.31
CA MET B 100 -8.24 -7.52 -5.99
C MET B 100 -7.05 -7.62 -6.91
N THR B 101 -7.09 -7.02 -8.10
CA THR B 101 -5.99 -7.16 -9.03
C THR B 101 -5.99 -6.01 -10.00
N CYS B 102 -4.96 -5.98 -10.84
CA CYS B 102 -4.83 -4.91 -11.81
C CYS B 102 -4.09 -5.47 -13.03
N ALA B 103 -3.94 -4.62 -14.03
CA ALA B 103 -3.24 -5.00 -15.24
C ALA B 103 -2.90 -3.75 -16.02
N TYR B 104 -1.66 -3.67 -16.46
CA TYR B 104 -1.22 -2.59 -17.32
C TYR B 104 -1.11 -3.14 -18.74
N ALA B 105 -1.92 -2.61 -19.65
CA ALA B 105 -1.97 -3.18 -20.98
C ALA B 105 -0.65 -2.95 -21.69
N PRO B 106 -0.23 -3.89 -22.55
CA PRO B 106 1.10 -3.76 -23.18
C PRO B 106 1.27 -2.52 -24.00
N SER B 107 0.23 -2.03 -24.66
CA SER B 107 0.32 -0.78 -25.41
C SER B 107 0.47 0.43 -24.52
N GLY B 108 0.30 0.27 -23.21
CA GLY B 108 0.38 1.38 -22.29
C GLY B 108 -0.84 2.26 -22.25
N ASN B 109 -1.89 1.93 -23.01
CA ASN B 109 -3.06 2.78 -23.07
C ASN B 109 -4.07 2.51 -21.98
N TYR B 110 -4.36 1.25 -21.69
CA TYR B 110 -5.45 0.89 -20.79
C TYR B 110 -4.92 0.22 -19.54
N VAL B 111 -5.66 0.39 -18.44
CA VAL B 111 -5.37 -0.28 -17.18
C VAL B 111 -6.63 -0.97 -16.73
N ALA B 112 -6.52 -2.26 -16.38
CA ALA B 112 -7.67 -3.05 -16.01
C ALA B 112 -7.66 -3.32 -14.52
N CYS B 113 -8.81 -3.20 -13.89
CA CYS B 113 -8.89 -3.53 -12.47
C CYS B 113 -10.24 -4.17 -12.19
N GLY B 114 -10.25 -5.10 -11.25
CA GLY B 114 -11.48 -5.81 -10.95
C GLY B 114 -11.43 -6.37 -9.54
N GLY B 115 -12.58 -6.87 -9.11
CA GLY B 115 -12.67 -7.41 -7.77
C GLY B 115 -14.04 -7.91 -7.37
N LEU B 116 -14.41 -7.71 -6.12
CA LEU B 116 -15.65 -8.25 -5.59
C LEU B 116 -16.90 -7.77 -6.32
N ASP B 117 -16.81 -6.69 -7.08
CA ASP B 117 -17.93 -6.20 -7.86
C ASP B 117 -18.19 -7.02 -9.11
N ASN B 118 -17.47 -8.13 -9.28
CA ASN B 118 -17.73 -9.12 -10.31
C ASN B 118 -17.49 -8.57 -11.71
N ILE B 119 -16.83 -7.41 -11.82
CA ILE B 119 -16.69 -6.70 -13.08
C ILE B 119 -15.24 -6.31 -13.27
N CYS B 120 -14.73 -6.46 -14.50
CA CYS B 120 -13.41 -5.98 -14.86
C CYS B 120 -13.55 -4.64 -15.57
N SER B 121 -13.02 -3.59 -14.98
CA SER B 121 -13.12 -2.26 -15.55
C SER B 121 -11.87 -1.95 -16.36
N ILE B 122 -12.06 -1.28 -17.48
CA ILE B 122 -10.96 -0.93 -18.38
C ILE B 122 -10.84 0.59 -18.42
N TYR B 123 -9.91 1.13 -17.64
CA TYR B 123 -9.64 2.55 -17.59
C TYR B 123 -8.77 2.94 -18.76
N ASN B 124 -9.10 4.05 -19.42
CA ASN B 124 -8.39 4.53 -20.59
C ASN B 124 -7.49 5.68 -20.16
N LEU B 125 -6.19 5.54 -20.35
CA LEU B 125 -5.28 6.55 -19.84
C LEU B 125 -4.99 7.67 -20.82
N LYS B 126 -4.88 7.39 -22.12
CA LYS B 126 -4.42 8.37 -23.10
C LYS B 126 -5.64 8.95 -23.79
N THR B 127 -6.20 10.01 -23.22
CA THR B 127 -7.41 10.63 -23.75
C THR B 127 -7.25 12.13 -23.83
N ARG B 128 -8.13 12.75 -24.60
CA ARG B 128 -8.13 14.20 -24.71
C ARG B 128 -8.47 14.88 -23.39
N GLU B 129 -9.46 14.36 -22.67
CA GLU B 129 -9.96 15.04 -21.49
C GLU B 129 -8.95 15.08 -20.34
N GLY B 130 -7.79 14.45 -20.51
CA GLY B 130 -6.75 14.53 -19.51
C GLY B 130 -7.01 13.76 -18.24
N ASN B 131 -8.26 13.41 -17.95
CA ASN B 131 -8.58 12.51 -16.86
C ASN B 131 -8.52 11.08 -17.37
N VAL B 132 -8.79 10.13 -16.49
CA VAL B 132 -8.76 8.72 -16.82
C VAL B 132 -10.10 8.10 -16.42
N ARG B 133 -10.80 7.56 -17.40
CA ARG B 133 -12.16 7.10 -17.20
C ARG B 133 -12.33 5.72 -17.80
N VAL B 134 -13.30 4.99 -17.26
CA VAL B 134 -13.65 3.68 -17.78
C VAL B 134 -14.04 3.82 -19.24
N SER B 135 -13.49 2.96 -20.09
CA SER B 135 -13.96 2.83 -21.46
C SER B 135 -14.90 1.66 -21.64
N ARG B 136 -14.72 0.61 -20.84
CA ARG B 136 -15.62 -0.53 -20.83
C ARG B 136 -15.71 -1.08 -19.42
N GLU B 137 -16.89 -1.60 -19.08
CA GLU B 137 -17.10 -2.30 -17.82
C GLU B 137 -17.52 -3.72 -18.15
N LEU B 138 -16.57 -4.64 -18.11
CA LEU B 138 -16.76 -6.01 -18.57
C LEU B 138 -17.47 -6.78 -17.47
N ALA B 139 -18.75 -7.08 -17.69
CA ALA B 139 -19.56 -7.89 -16.79
C ALA B 139 -19.97 -9.15 -17.53
N GLY B 140 -20.29 -10.19 -16.75
CA GLY B 140 -20.61 -11.48 -17.33
C GLY B 140 -20.11 -12.62 -16.48
N HIS B 141 -19.29 -12.30 -15.48
CA HIS B 141 -18.98 -13.29 -14.45
C HIS B 141 -20.05 -13.29 -13.39
N THR B 142 -20.12 -14.40 -12.64
CA THR B 142 -21.09 -14.63 -11.54
C THR B 142 -20.31 -14.60 -10.19
N GLY B 143 -19.09 -15.16 -10.19
CA GLY B 143 -18.23 -15.18 -9.03
C GLY B 143 -17.24 -14.03 -9.05
N TYR B 144 -16.31 -14.10 -8.11
CA TYR B 144 -15.47 -12.95 -7.83
C TYR B 144 -14.25 -12.99 -8.74
N LEU B 145 -13.83 -11.81 -9.21
CA LEU B 145 -12.85 -11.70 -10.27
C LEU B 145 -11.45 -11.64 -9.69
N SER B 146 -10.65 -12.68 -9.89
CA SER B 146 -9.35 -12.80 -9.26
C SER B 146 -8.24 -12.04 -9.97
N CYS B 147 -7.94 -12.40 -11.22
CA CYS B 147 -6.78 -11.83 -11.89
C CYS B 147 -7.08 -11.72 -13.38
N CYS B 148 -6.86 -10.53 -13.92
CA CYS B 148 -7.13 -10.25 -15.33
C CYS B 148 -5.87 -9.72 -15.98
N ARG B 149 -5.60 -10.18 -17.20
CA ARG B 149 -4.39 -9.84 -17.91
C ARG B 149 -4.74 -9.47 -19.33
N PHE B 150 -3.91 -8.67 -19.97
CA PHE B 150 -4.18 -8.24 -21.33
C PHE B 150 -3.50 -9.13 -22.34
N LEU B 151 -4.00 -9.13 -23.56
CA LEU B 151 -3.29 -9.68 -24.70
C LEU B 151 -2.95 -8.67 -25.78
N ASP B 152 -3.79 -7.66 -25.95
CA ASP B 152 -3.63 -6.67 -26.99
C ASP B 152 -4.54 -5.49 -26.68
N ASP B 153 -4.78 -4.63 -27.67
CA ASP B 153 -5.62 -3.46 -27.45
C ASP B 153 -7.06 -3.84 -27.13
N ASN B 154 -7.51 -5.03 -27.52
CA ASN B 154 -8.93 -5.35 -27.46
C ASN B 154 -9.25 -6.66 -26.76
N GLN B 155 -8.28 -7.53 -26.53
CA GLN B 155 -8.55 -8.86 -25.98
C GLN B 155 -7.91 -8.97 -24.60
N ILE B 156 -8.74 -9.13 -23.58
CA ILE B 156 -8.26 -9.26 -22.21
C ILE B 156 -8.75 -10.58 -21.64
N VAL B 157 -7.87 -11.29 -20.94
CA VAL B 157 -8.21 -12.55 -20.31
C VAL B 157 -8.53 -12.29 -18.86
N THR B 158 -9.61 -12.87 -18.36
CA THR B 158 -10.00 -12.73 -16.96
C THR B 158 -10.19 -14.11 -16.35
N SER B 159 -10.07 -14.19 -15.03
CA SER B 159 -10.29 -15.42 -14.31
C SER B 159 -11.10 -15.11 -13.08
N SER B 160 -12.18 -15.85 -12.84
CA SER B 160 -13.11 -15.42 -11.82
C SER B 160 -13.46 -16.56 -10.88
N GLY B 161 -14.39 -16.29 -9.98
CA GLY B 161 -14.91 -17.27 -9.06
C GLY B 161 -15.97 -18.18 -9.63
N ASP B 162 -16.34 -17.99 -10.88
CA ASP B 162 -17.20 -18.95 -11.55
C ASP B 162 -16.51 -20.28 -11.76
N THR B 163 -15.29 -20.43 -11.25
CA THR B 163 -14.36 -21.49 -11.60
C THR B 163 -14.04 -21.45 -13.09
N THR B 164 -14.12 -20.28 -13.72
CA THR B 164 -13.97 -20.16 -15.16
C THR B 164 -13.06 -18.98 -15.50
N CYS B 165 -12.38 -19.10 -16.62
CA CYS B 165 -11.71 -17.97 -17.24
C CYS B 165 -12.47 -17.53 -18.47
N ALA B 166 -12.20 -16.32 -18.93
CA ALA B 166 -12.91 -15.76 -20.06
C ALA B 166 -11.93 -15.00 -20.92
N LEU B 167 -12.20 -14.96 -22.22
CA LEU B 167 -11.40 -14.19 -23.17
C LEU B 167 -12.27 -13.05 -23.70
N TRP B 168 -12.31 -11.96 -22.96
CA TRP B 168 -13.17 -10.83 -23.28
C TRP B 168 -12.61 -10.08 -24.47
N ASP B 169 -13.50 -9.62 -25.35
CA ASP B 169 -13.16 -8.69 -26.42
C ASP B 169 -13.64 -7.31 -25.96
N ILE B 170 -12.69 -6.43 -25.64
CA ILE B 170 -13.03 -5.18 -24.97
C ILE B 170 -13.92 -4.31 -25.84
N GLU B 171 -13.59 -4.18 -27.12
CA GLU B 171 -14.30 -3.23 -27.97
C GLU B 171 -15.78 -3.57 -28.05
N THR B 172 -16.12 -4.85 -28.19
CA THR B 172 -17.51 -5.27 -28.26
C THR B 172 -18.15 -5.44 -26.90
N GLY B 173 -17.40 -5.88 -25.89
CA GLY B 173 -17.92 -5.99 -24.54
C GLY B 173 -18.53 -7.31 -24.17
N GLN B 174 -18.24 -8.38 -24.92
CA GLN B 174 -18.75 -9.70 -24.59
C GLN B 174 -17.64 -10.72 -24.76
N GLN B 175 -17.70 -11.78 -23.95
CA GLN B 175 -16.66 -12.79 -23.99
C GLN B 175 -16.75 -13.60 -25.27
N THR B 176 -15.60 -13.79 -25.92
CA THR B 176 -15.56 -14.64 -27.10
C THR B 176 -15.58 -16.11 -26.74
N THR B 177 -14.67 -16.56 -25.89
CA THR B 177 -14.65 -17.95 -25.45
C THR B 177 -14.57 -17.96 -23.93
N THR B 178 -15.15 -19.00 -23.35
CA THR B 178 -15.07 -19.23 -21.91
C THR B 178 -14.37 -20.55 -21.66
N PHE B 179 -13.36 -20.51 -20.80
CA PHE B 179 -12.56 -21.68 -20.46
C PHE B 179 -13.12 -22.25 -19.16
N THR B 180 -13.74 -23.42 -19.28
CA THR B 180 -14.29 -24.18 -18.17
C THR B 180 -13.58 -25.51 -18.08
N GLY B 181 -13.56 -26.06 -16.87
CA GLY B 181 -12.86 -27.31 -16.59
C GLY B 181 -12.21 -27.36 -15.23
N HIS B 182 -12.14 -26.25 -14.51
CA HIS B 182 -11.66 -26.28 -13.15
C HIS B 182 -12.75 -26.78 -12.21
N THR B 183 -12.39 -26.97 -10.95
CA THR B 183 -13.38 -27.26 -9.92
C THR B 183 -13.44 -26.16 -8.88
N GLY B 184 -12.27 -25.69 -8.42
CA GLY B 184 -12.21 -24.57 -7.50
C GLY B 184 -12.16 -23.24 -8.22
N ASP B 185 -11.92 -22.19 -7.43
CA ASP B 185 -11.87 -20.85 -8.00
C ASP B 185 -10.50 -20.58 -8.62
N VAL B 186 -10.50 -19.98 -9.80
CA VAL B 186 -9.28 -19.79 -10.57
C VAL B 186 -8.52 -18.62 -9.97
N MET B 187 -7.63 -18.90 -9.04
CA MET B 187 -7.09 -17.85 -8.19
C MET B 187 -5.94 -17.09 -8.83
N SER B 188 -5.39 -17.56 -9.94
CA SER B 188 -4.25 -16.91 -10.53
C SER B 188 -4.22 -17.17 -12.03
N LEU B 189 -3.41 -16.41 -12.75
CA LEU B 189 -3.41 -16.46 -14.19
C LEU B 189 -2.01 -16.07 -14.67
N SER B 190 -1.66 -16.49 -15.88
CA SER B 190 -0.38 -16.12 -16.45
C SER B 190 -0.40 -16.37 -17.94
N LEU B 191 0.33 -15.54 -18.68
CA LEU B 191 0.30 -15.53 -20.13
C LEU B 191 1.65 -15.94 -20.69
N ALA B 192 1.63 -16.70 -21.78
CA ALA B 192 2.87 -17.00 -22.45
C ALA B 192 3.44 -15.73 -23.09
N PRO B 193 4.75 -15.60 -23.16
CA PRO B 193 5.34 -14.42 -23.79
C PRO B 193 4.88 -14.22 -25.22
N ASP B 194 4.63 -15.29 -25.96
CA ASP B 194 4.11 -15.19 -27.31
C ASP B 194 2.59 -15.08 -27.32
N THR B 195 1.94 -15.16 -26.16
CA THR B 195 0.51 -15.01 -25.97
C THR B 195 -0.31 -16.00 -26.79
N ARG B 196 0.26 -17.12 -27.21
CA ARG B 196 -0.52 -18.15 -27.86
C ARG B 196 -1.29 -19.02 -26.87
N LEU B 197 -0.75 -19.18 -25.67
CA LEU B 197 -1.35 -19.99 -24.62
C LEU B 197 -1.30 -19.21 -23.32
N PHE B 198 -2.23 -19.49 -22.42
CA PHE B 198 -2.09 -18.99 -21.06
C PHE B 198 -2.26 -20.14 -20.09
N VAL B 199 -2.23 -19.83 -18.81
CA VAL B 199 -2.30 -20.88 -17.82
C VAL B 199 -3.00 -20.32 -16.58
N SER B 200 -3.54 -21.21 -15.75
CA SER B 200 -4.30 -20.74 -14.60
C SER B 200 -4.40 -21.83 -13.56
N GLY B 201 -4.22 -21.45 -12.29
CA GLY B 201 -4.26 -22.38 -11.18
C GLY B 201 -5.40 -22.04 -10.23
N ALA B 202 -5.99 -23.07 -9.63
CA ALA B 202 -7.27 -22.88 -8.95
C ALA B 202 -7.26 -23.40 -7.53
N CYS B 203 -8.32 -23.04 -6.80
CA CYS B 203 -8.49 -23.45 -5.41
C CYS B 203 -8.99 -24.90 -5.42
N ASP B 204 -8.24 -25.73 -6.15
CA ASP B 204 -8.42 -27.17 -6.07
C ASP B 204 -7.08 -27.87 -6.19
N ALA B 205 -5.98 -27.16 -6.02
CA ALA B 205 -4.60 -27.65 -6.08
C ALA B 205 -4.17 -28.01 -7.49
N SER B 206 -4.94 -27.64 -8.51
CA SER B 206 -4.61 -28.00 -9.88
C SER B 206 -4.36 -26.75 -10.73
N ALA B 207 -3.47 -26.92 -11.69
CA ALA B 207 -3.19 -25.89 -12.68
C ALA B 207 -3.55 -26.44 -14.05
N LYS B 208 -3.92 -25.56 -14.96
CA LYS B 208 -4.40 -25.98 -16.27
C LYS B 208 -3.87 -25.03 -17.32
N LEU B 209 -3.39 -25.59 -18.43
CA LEU B 209 -2.79 -24.83 -19.51
C LEU B 209 -3.82 -24.68 -20.62
N TRP B 210 -4.18 -23.43 -20.94
CA TRP B 210 -5.28 -23.11 -21.80
C TRP B 210 -4.78 -22.57 -23.13
N ASP B 211 -5.50 -22.89 -24.21
CA ASP B 211 -5.21 -22.33 -25.52
C ASP B 211 -6.17 -21.18 -25.78
N VAL B 212 -5.64 -20.05 -26.23
CA VAL B 212 -6.44 -18.86 -26.45
C VAL B 212 -7.37 -19.04 -27.65
N ARG B 213 -6.83 -19.58 -28.75
CA ARG B 213 -7.62 -19.67 -29.97
C ARG B 213 -8.48 -20.92 -30.03
N GLU B 214 -8.00 -22.05 -29.50
CA GLU B 214 -8.75 -23.29 -29.62
C GLU B 214 -9.74 -23.46 -28.48
N GLY B 215 -9.48 -22.81 -27.35
CA GLY B 215 -10.41 -22.81 -26.25
C GLY B 215 -10.61 -24.14 -25.56
N MET B 216 -9.73 -25.11 -25.78
CA MET B 216 -9.85 -26.41 -25.14
C MET B 216 -8.61 -26.71 -24.31
N CYS B 217 -8.85 -27.33 -23.15
CA CYS B 217 -7.81 -27.52 -22.14
C CYS B 217 -6.72 -28.44 -22.66
N ARG B 218 -5.52 -27.87 -22.90
CA ARG B 218 -4.40 -28.63 -23.45
C ARG B 218 -3.84 -29.66 -22.49
N GLN B 219 -3.64 -29.32 -21.23
CA GLN B 219 -3.09 -30.25 -20.27
C GLN B 219 -3.28 -29.71 -18.86
N THR B 220 -3.14 -30.60 -17.88
CA THR B 220 -3.44 -30.30 -16.50
C THR B 220 -2.30 -30.79 -15.61
N PHE B 221 -1.92 -29.99 -14.63
CA PHE B 221 -0.85 -30.31 -13.70
C PHE B 221 -1.40 -30.44 -12.30
N THR B 222 -1.04 -31.53 -11.64
CA THR B 222 -1.33 -31.77 -10.24
C THR B 222 -0.02 -32.05 -9.52
N GLY B 223 -0.08 -32.04 -8.19
CA GLY B 223 1.09 -32.22 -7.38
C GLY B 223 1.07 -31.35 -6.15
N HIS B 224 0.34 -30.23 -6.24
CA HIS B 224 0.10 -29.42 -5.07
C HIS B 224 -1.01 -30.02 -4.23
N GLU B 225 -1.02 -29.68 -2.94
CA GLU B 225 -2.12 -30.06 -2.08
C GLU B 225 -3.02 -28.94 -1.58
N SER B 226 -2.50 -27.72 -1.51
CA SER B 226 -3.30 -26.55 -1.17
C SER B 226 -3.30 -25.59 -2.35
N ASP B 227 -4.01 -24.48 -2.16
CA ASP B 227 -4.48 -23.64 -3.24
C ASP B 227 -3.31 -23.00 -3.97
N ILE B 228 -3.23 -23.24 -5.27
CA ILE B 228 -2.29 -22.55 -6.15
C ILE B 228 -2.77 -21.13 -6.31
N ASN B 229 -2.03 -20.17 -5.78
CA ASN B 229 -2.45 -18.78 -5.87
C ASN B 229 -1.36 -17.89 -6.42
N ALA B 230 -0.53 -18.40 -7.32
CA ALA B 230 0.51 -17.60 -7.97
C ALA B 230 1.08 -18.40 -9.11
N ILE B 231 1.21 -17.76 -10.28
CA ILE B 231 1.76 -18.42 -11.50
C ILE B 231 2.51 -17.39 -12.34
N CYS B 232 3.56 -17.84 -13.03
CA CYS B 232 4.39 -16.97 -13.91
C CYS B 232 5.31 -17.86 -14.76
N PHE B 233 5.16 -17.82 -16.08
CA PHE B 233 5.97 -18.65 -16.95
C PHE B 233 7.46 -18.38 -16.90
N PHE B 234 8.20 -19.46 -16.99
CA PHE B 234 9.59 -19.38 -17.38
C PHE B 234 9.68 -18.57 -18.67
N PRO B 235 10.67 -17.68 -18.80
CA PRO B 235 10.62 -16.67 -19.86
C PRO B 235 10.55 -17.21 -21.28
N ASN B 236 10.99 -18.44 -21.53
CA ASN B 236 10.84 -19.02 -22.86
C ASN B 236 9.44 -19.53 -23.11
N GLY B 237 8.63 -19.67 -22.07
CA GLY B 237 7.27 -20.14 -22.25
C GLY B 237 7.10 -21.62 -22.45
N ASN B 238 8.14 -22.42 -22.24
CA ASN B 238 8.02 -23.87 -22.33
C ASN B 238 8.02 -24.54 -20.97
N ALA B 239 8.15 -23.75 -19.90
CA ALA B 239 8.08 -24.25 -18.54
C ALA B 239 7.11 -23.37 -17.78
N PHE B 240 7.04 -23.55 -16.48
CA PHE B 240 5.88 -23.05 -15.77
C PHE B 240 6.14 -23.16 -14.27
N ALA B 241 5.55 -22.27 -13.47
CA ALA B 241 5.83 -22.28 -12.04
C ALA B 241 4.65 -21.75 -11.24
N THR B 242 4.39 -22.41 -10.11
CA THR B 242 3.24 -22.10 -9.27
C THR B 242 3.67 -21.99 -7.83
N GLY B 243 2.89 -21.24 -7.06
CA GLY B 243 3.09 -21.16 -5.62
C GLY B 243 1.77 -21.36 -4.91
N SER B 244 1.81 -22.15 -3.85
CA SER B 244 0.60 -22.54 -3.16
C SER B 244 0.80 -22.38 -1.66
N ASP B 245 -0.25 -22.73 -0.91
CA ASP B 245 -0.25 -22.62 0.58
C ASP B 245 0.55 -23.78 1.17
N ASP B 246 1.16 -24.62 0.33
CA ASP B 246 1.98 -25.73 0.81
C ASP B 246 3.32 -25.29 1.37
N ALA B 247 3.56 -23.99 1.53
CA ALA B 247 4.89 -23.47 1.78
C ALA B 247 5.86 -23.99 0.74
N THR B 248 5.43 -23.95 -0.52
CA THR B 248 6.13 -24.63 -1.60
C THR B 248 5.85 -23.92 -2.91
N CYS B 249 6.90 -23.70 -3.69
CA CYS B 249 6.76 -23.38 -5.10
C CYS B 249 7.10 -24.63 -5.89
N ARG B 250 6.49 -24.77 -7.06
CA ARG B 250 6.78 -25.89 -7.93
C ARG B 250 7.03 -25.38 -9.33
N LEU B 251 7.94 -26.05 -10.02
CA LEU B 251 8.21 -25.78 -11.43
C LEU B 251 7.78 -27.01 -12.21
N PHE B 252 6.89 -26.79 -13.16
CA PHE B 252 6.39 -27.80 -14.09
C PHE B 252 6.94 -27.54 -15.48
N ASP B 253 6.93 -28.56 -16.31
CA ASP B 253 7.38 -28.47 -17.68
C ASP B 253 6.21 -28.67 -18.61
N LEU B 254 6.05 -27.75 -19.57
CA LEU B 254 4.94 -27.81 -20.50
C LEU B 254 5.12 -28.86 -21.58
N ARG B 255 6.32 -29.36 -21.78
CA ARG B 255 6.57 -30.45 -22.71
C ARG B 255 6.75 -31.80 -22.03
N ALA B 256 7.20 -31.83 -20.78
CA ALA B 256 7.25 -33.06 -20.01
C ALA B 256 5.94 -33.38 -19.32
N ASP B 257 5.05 -32.40 -19.22
CA ASP B 257 3.70 -32.60 -18.66
C ASP B 257 3.77 -33.30 -17.31
N GLN B 258 4.69 -32.83 -16.47
CA GLN B 258 4.78 -33.36 -15.12
C GLN B 258 5.55 -32.37 -14.26
N GLU B 259 5.44 -32.55 -12.96
CA GLU B 259 6.27 -31.81 -12.03
C GLU B 259 7.72 -31.90 -12.47
N LEU B 260 8.45 -30.80 -12.29
CA LEU B 260 9.87 -30.78 -12.58
C LEU B 260 10.73 -30.60 -11.34
N MET B 261 10.43 -29.61 -10.51
CA MET B 261 11.23 -29.41 -9.31
C MET B 261 10.38 -28.70 -8.26
N THR B 262 10.81 -28.77 -7.00
CA THR B 262 10.10 -28.13 -5.90
C THR B 262 11.05 -27.20 -5.17
N TYR B 263 10.47 -26.20 -4.50
CA TYR B 263 11.22 -25.27 -3.66
C TYR B 263 10.47 -25.11 -2.36
N SER B 264 11.13 -25.39 -1.24
CA SER B 264 10.44 -25.35 0.04
C SER B 264 11.45 -25.20 1.18
N HIS B 265 10.97 -24.64 2.29
CA HIS B 265 11.68 -24.63 3.55
C HIS B 265 10.80 -25.27 4.62
N ASP B 266 11.37 -26.27 5.31
CA ASP B 266 10.58 -27.01 6.29
C ASP B 266 10.09 -26.11 7.42
N ASN B 267 10.94 -25.20 7.89
CA ASN B 267 10.55 -24.27 8.94
C ASN B 267 9.46 -23.31 8.49
N ILE B 268 9.27 -23.16 7.19
CA ILE B 268 8.17 -22.37 6.65
C ILE B 268 6.95 -23.28 6.58
N ILE B 269 5.88 -22.85 7.23
CA ILE B 269 4.58 -23.51 7.15
C ILE B 269 3.51 -22.57 6.60
N CYS B 270 3.91 -21.39 6.17
CA CYS B 270 3.00 -20.37 5.67
C CYS B 270 2.92 -20.45 4.15
N GLY B 271 1.93 -19.78 3.58
CA GLY B 271 1.69 -19.83 2.16
C GLY B 271 2.54 -18.86 1.37
N ILE B 272 2.27 -18.83 0.06
CA ILE B 272 3.01 -18.04 -0.90
C ILE B 272 2.02 -17.16 -1.65
N THR B 273 2.37 -15.89 -1.84
CA THR B 273 1.40 -14.96 -2.38
C THR B 273 1.63 -14.60 -3.83
N SER B 274 2.86 -14.67 -4.32
CA SER B 274 3.12 -14.36 -5.71
C SER B 274 4.50 -14.87 -6.07
N VAL B 275 4.67 -15.29 -7.31
CA VAL B 275 5.97 -15.72 -7.79
C VAL B 275 6.27 -14.96 -9.05
N SER B 276 7.52 -15.06 -9.50
CA SER B 276 7.89 -14.57 -10.82
C SER B 276 9.27 -15.08 -11.13
N PHE B 277 9.66 -14.96 -12.39
CA PHE B 277 10.98 -15.36 -12.82
C PHE B 277 11.79 -14.13 -13.16
N SER B 278 13.11 -14.28 -13.15
CA SER B 278 13.94 -13.22 -13.68
C SER B 278 13.97 -13.30 -15.21
N LYS B 279 14.68 -12.35 -15.82
CA LYS B 279 14.72 -12.31 -17.29
C LYS B 279 15.39 -13.55 -17.86
N SER B 280 16.46 -13.99 -17.24
CA SER B 280 17.08 -15.24 -17.67
C SER B 280 16.33 -16.46 -17.16
N GLY B 281 15.32 -16.26 -16.33
CA GLY B 281 14.60 -17.38 -15.77
C GLY B 281 15.40 -18.21 -14.81
N ARG B 282 16.59 -17.77 -14.42
CA ARG B 282 17.40 -18.53 -13.50
C ARG B 282 16.90 -18.42 -12.07
N LEU B 283 16.24 -17.32 -11.73
CA LEU B 283 15.84 -17.05 -10.36
C LEU B 283 14.32 -17.02 -10.28
N LEU B 284 13.76 -17.82 -9.37
CA LEU B 284 12.29 -17.88 -9.12
C LEU B 284 12.02 -17.04 -7.87
N LEU B 285 11.79 -15.74 -8.04
CA LEU B 285 11.57 -14.81 -6.95
C LEU B 285 10.15 -14.94 -6.43
N ALA B 286 10.00 -15.32 -5.17
CA ALA B 286 8.67 -15.59 -4.64
C ALA B 286 8.46 -14.86 -3.32
N GLY B 287 7.32 -14.21 -3.19
CA GLY B 287 6.92 -13.58 -1.95
C GLY B 287 6.47 -14.65 -0.97
N TYR B 288 6.23 -14.26 0.27
CA TYR B 288 5.78 -15.19 1.29
C TYR B 288 4.91 -14.49 2.33
N ASP B 289 4.27 -15.30 3.17
CA ASP B 289 3.40 -14.77 4.22
C ASP B 289 4.13 -14.37 5.49
N ASP B 290 5.40 -14.75 5.64
CA ASP B 290 6.16 -14.39 6.83
C ASP B 290 6.80 -13.02 6.71
N PHE B 291 6.26 -12.17 5.84
CA PHE B 291 6.67 -10.79 5.56
C PHE B 291 7.95 -10.73 4.76
N ASN B 292 8.59 -11.86 4.48
CA ASN B 292 9.83 -11.88 3.71
C ASN B 292 9.50 -12.09 2.24
N CYS B 293 10.55 -12.32 1.45
CA CYS B 293 10.38 -12.62 0.04
C CYS B 293 11.67 -13.28 -0.45
N ASN B 294 11.62 -14.57 -0.73
CA ASN B 294 12.83 -15.31 -1.07
C ASN B 294 13.14 -15.18 -2.55
N VAL B 295 14.39 -15.47 -2.90
CA VAL B 295 14.88 -15.49 -4.31
C VAL B 295 15.45 -16.88 -4.60
N TRP B 296 14.61 -17.87 -4.93
CA TRP B 296 15.08 -19.22 -5.15
C TRP B 296 15.93 -19.27 -6.39
N ASP B 297 16.93 -20.15 -6.39
CA ASP B 297 17.63 -20.48 -7.61
C ASP B 297 16.66 -21.35 -8.39
N ALA B 298 16.08 -20.82 -9.45
CA ALA B 298 15.03 -21.54 -10.16
C ALA B 298 15.55 -22.76 -10.91
N LEU B 299 16.81 -23.10 -10.77
CA LEU B 299 17.30 -24.31 -11.41
C LEU B 299 17.88 -25.31 -10.43
N LYS B 300 18.75 -24.88 -9.51
CA LYS B 300 19.30 -25.73 -8.48
C LYS B 300 18.40 -25.85 -7.26
N ALA B 301 17.39 -24.98 -7.15
CA ALA B 301 16.46 -24.97 -6.03
C ALA B 301 17.18 -24.79 -4.69
N ASP B 302 18.13 -23.86 -4.66
CA ASP B 302 18.91 -23.64 -3.45
C ASP B 302 19.37 -22.19 -3.41
N ARG B 303 18.63 -21.35 -2.69
CA ARG B 303 19.11 -20.03 -2.32
C ARG B 303 18.13 -19.47 -1.30
N ALA B 304 18.65 -18.61 -0.42
CA ALA B 304 17.83 -17.96 0.59
C ALA B 304 18.24 -16.49 0.70
N GLY B 305 18.58 -15.89 -0.43
CA GLY B 305 18.85 -14.46 -0.43
C GLY B 305 17.53 -13.71 -0.51
N VAL B 306 17.15 -13.14 0.63
CA VAL B 306 15.77 -12.73 0.84
C VAL B 306 15.66 -11.23 0.72
N LEU B 307 14.65 -10.77 0.00
CA LEU B 307 14.35 -9.35 -0.09
C LEU B 307 13.53 -8.90 1.12
N ALA B 308 14.21 -8.89 2.27
CA ALA B 308 13.56 -8.57 3.54
C ALA B 308 13.57 -7.08 3.92
N GLY B 309 12.50 -6.41 3.52
CA GLY B 309 12.35 -5.00 3.80
C GLY B 309 10.94 -4.55 4.16
N HIS B 310 10.02 -5.47 4.40
CA HIS B 310 8.62 -5.11 4.57
C HIS B 310 8.13 -5.42 5.98
N ASP B 311 7.26 -4.55 6.48
CA ASP B 311 6.72 -4.65 7.82
C ASP B 311 5.42 -5.43 7.87
N ASN B 312 5.03 -6.06 6.77
CA ASN B 312 3.88 -6.94 6.77
C ASN B 312 3.98 -7.82 5.53
N ARG B 313 2.91 -8.57 5.23
CA ARG B 313 2.95 -9.59 4.19
C ARG B 313 3.29 -9.00 2.84
N VAL B 314 4.21 -9.63 2.13
CA VAL B 314 4.50 -9.27 0.75
C VAL B 314 3.40 -9.85 -0.12
N SER B 315 2.58 -8.99 -0.69
CA SER B 315 1.41 -9.43 -1.44
C SER B 315 1.72 -9.74 -2.89
N CYS B 316 2.40 -8.86 -3.59
CA CYS B 316 2.55 -9.01 -5.02
C CYS B 316 3.96 -8.60 -5.41
N LEU B 317 4.44 -9.12 -6.52
CA LEU B 317 5.77 -8.75 -6.95
C LEU B 317 5.87 -8.94 -8.46
N GLY B 318 7.06 -8.68 -8.98
CA GLY B 318 7.30 -8.94 -10.39
C GLY B 318 8.68 -8.47 -10.76
N VAL B 319 9.01 -8.67 -12.02
CA VAL B 319 10.26 -8.19 -12.58
C VAL B 319 9.92 -7.29 -13.76
N THR B 320 10.78 -6.33 -14.05
CA THR B 320 10.58 -5.56 -15.26
C THR B 320 10.70 -6.45 -16.47
N ASP B 321 10.11 -6.00 -17.58
CA ASP B 321 10.16 -6.81 -18.79
C ASP B 321 11.59 -6.99 -19.27
N ASP B 322 12.41 -5.96 -19.16
CA ASP B 322 13.82 -6.06 -19.52
C ASP B 322 14.71 -6.45 -18.33
N GLY B 323 14.13 -6.69 -17.17
CA GLY B 323 14.84 -7.33 -16.08
C GLY B 323 15.74 -6.47 -15.24
N MET B 324 15.70 -5.14 -15.39
CA MET B 324 16.58 -4.30 -14.58
C MET B 324 16.28 -4.41 -13.09
N ALA B 325 15.02 -4.46 -12.70
CA ALA B 325 14.69 -4.41 -11.29
C ALA B 325 13.45 -5.21 -11.03
N VAL B 326 13.36 -5.75 -9.82
CA VAL B 326 12.14 -6.40 -9.37
C VAL B 326 11.39 -5.37 -8.57
N ALA B 327 10.13 -5.67 -8.30
CA ALA B 327 9.35 -4.80 -7.45
C ALA B 327 8.48 -5.66 -6.59
N THR B 328 8.20 -5.18 -5.39
CA THR B 328 7.30 -5.86 -4.48
C THR B 328 6.35 -4.85 -3.87
N GLY B 329 5.21 -5.35 -3.46
CA GLY B 329 4.22 -4.55 -2.80
C GLY B 329 3.55 -5.36 -1.71
N SER B 330 3.58 -4.81 -0.51
CA SER B 330 3.26 -5.54 0.70
C SER B 330 2.10 -4.86 1.40
N TRP B 331 1.59 -5.53 2.43
CA TRP B 331 0.44 -5.01 3.15
C TRP B 331 0.77 -3.79 4.00
N ASP B 332 1.97 -3.24 3.89
CA ASP B 332 2.30 -2.01 4.61
C ASP B 332 2.14 -0.77 3.73
N SER B 333 1.43 -0.89 2.62
CA SER B 333 1.09 0.22 1.73
C SER B 333 2.28 0.76 0.98
N PHE B 334 3.40 0.05 0.97
CA PHE B 334 4.61 0.51 0.28
C PHE B 334 4.96 -0.43 -0.85
N LEU B 335 5.31 0.13 -1.99
CA LEU B 335 5.93 -0.62 -3.07
C LEU B 335 7.42 -0.36 -3.04
N LYS B 336 8.20 -1.40 -2.84
CA LYS B 336 9.65 -1.28 -2.81
C LYS B 336 10.22 -1.92 -4.06
N ILE B 337 10.98 -1.14 -4.82
CA ILE B 337 11.63 -1.63 -6.03
C ILE B 337 13.05 -2.00 -5.68
N TRP B 338 13.41 -3.25 -5.93
CA TRP B 338 14.71 -3.79 -5.59
C TRP B 338 15.52 -4.00 -6.86
N ASN B 339 16.84 -3.92 -6.72
CA ASN B 339 17.76 -4.09 -7.89
C ASN B 339 19.04 -4.81 -7.41
N ASN C 1 -28.70 -39.63 -13.43
CA ASN C 1 -28.99 -38.31 -13.95
C ASN C 1 -28.18 -38.04 -15.22
N THR C 2 -28.80 -37.35 -16.18
CA THR C 2 -28.14 -37.03 -17.43
C THR C 2 -27.04 -36.00 -17.26
N ALA C 3 -27.15 -35.11 -16.27
CA ALA C 3 -26.09 -34.13 -16.03
C ALA C 3 -24.79 -34.80 -15.63
N SER C 4 -24.86 -35.79 -14.75
CA SER C 4 -23.67 -36.54 -14.37
C SER C 4 -23.08 -37.29 -15.56
N ILE C 5 -23.92 -37.87 -16.41
CA ILE C 5 -23.43 -38.57 -17.59
C ILE C 5 -22.73 -37.59 -18.52
N ALA C 6 -23.31 -36.40 -18.72
CA ALA C 6 -22.67 -35.40 -19.56
C ALA C 6 -21.33 -34.95 -18.98
N GLN C 7 -21.27 -34.74 -17.66
CA GLN C 7 -20.00 -34.36 -17.04
C GLN C 7 -18.96 -35.46 -17.20
N ALA C 8 -19.38 -36.72 -17.04
CA ALA C 8 -18.45 -37.83 -17.24
C ALA C 8 -17.96 -37.89 -18.68
N ARG C 9 -18.85 -37.63 -19.64
CA ARG C 9 -18.44 -37.62 -21.03
C ARG C 9 -17.43 -36.51 -21.30
N LYS C 10 -17.67 -35.33 -20.73
CA LYS C 10 -16.71 -34.23 -20.88
C LYS C 10 -15.37 -34.60 -20.28
N LEU C 11 -15.37 -35.21 -19.10
CA LEU C 11 -14.12 -35.60 -18.46
C LEU C 11 -13.39 -36.65 -19.28
N VAL C 12 -14.13 -37.61 -19.85
CA VAL C 12 -13.51 -38.64 -20.67
C VAL C 12 -12.89 -38.02 -21.92
N GLU C 13 -13.59 -37.06 -22.54
CA GLU C 13 -13.02 -36.39 -23.70
C GLU C 13 -11.77 -35.61 -23.32
N GLN C 14 -11.81 -34.90 -22.19
CA GLN C 14 -10.64 -34.18 -21.72
C GLN C 14 -9.45 -35.11 -21.50
N LEU C 15 -9.68 -36.25 -20.85
CA LEU C 15 -8.60 -37.18 -20.59
C LEU C 15 -8.09 -37.82 -21.88
N LYS C 16 -8.99 -38.10 -22.83
CA LYS C 16 -8.55 -38.63 -24.11
C LYS C 16 -7.66 -37.63 -24.84
N MET C 17 -8.05 -36.35 -24.83
CA MET C 17 -7.22 -35.33 -25.44
C MET C 17 -5.91 -35.16 -24.67
N GLU C 18 -5.92 -35.46 -23.37
CA GLU C 18 -4.70 -35.44 -22.60
C GLU C 18 -3.86 -36.69 -22.82
N ALA C 19 -4.43 -37.72 -23.46
CA ALA C 19 -3.68 -38.95 -23.68
C ALA C 19 -2.85 -38.86 -24.96
N ASN C 20 -3.37 -38.22 -25.99
CA ASN C 20 -2.68 -38.14 -27.28
C ASN C 20 -1.75 -36.93 -27.30
N ILE C 21 -0.74 -36.99 -26.43
CA ILE C 21 0.28 -35.97 -26.32
C ILE C 21 1.63 -36.60 -26.60
N ASP C 22 2.38 -35.99 -27.53
CA ASP C 22 3.73 -36.45 -27.84
C ASP C 22 4.65 -36.02 -26.72
N ARG C 23 4.74 -36.88 -25.70
CA ARG C 23 5.55 -36.57 -24.54
C ARG C 23 7.02 -36.47 -24.89
N ILE C 24 7.70 -35.51 -24.29
CA ILE C 24 9.14 -35.38 -24.39
C ILE C 24 9.73 -35.86 -23.08
N LYS C 25 10.73 -36.75 -23.16
CA LYS C 25 11.34 -37.28 -21.96
C LYS C 25 11.90 -36.15 -21.10
N VAL C 26 11.75 -36.30 -19.78
CA VAL C 26 12.08 -35.22 -18.86
C VAL C 26 13.55 -34.82 -18.95
N SER C 27 14.43 -35.77 -19.30
CA SER C 27 15.84 -35.43 -19.44
C SER C 27 16.06 -34.37 -20.50
N LYS C 28 15.44 -34.54 -21.67
CA LYS C 28 15.61 -33.56 -22.74
C LYS C 28 15.05 -32.21 -22.31
N ALA C 29 13.91 -32.21 -21.61
CA ALA C 29 13.32 -30.95 -21.18
C ALA C 29 14.24 -30.23 -20.20
N ALA C 30 14.81 -30.95 -19.25
CA ALA C 30 15.74 -30.33 -18.30
C ALA C 30 16.97 -29.79 -19.02
N ALA C 31 17.52 -30.57 -19.95
CA ALA C 31 18.68 -30.11 -20.68
C ALA C 31 18.37 -28.85 -21.48
N ASP C 32 17.22 -28.82 -22.14
CA ASP C 32 16.84 -27.64 -22.90
C ASP C 32 16.65 -26.43 -22.00
N LEU C 33 15.99 -26.62 -20.86
CA LEU C 33 15.75 -25.49 -19.96
C LEU C 33 17.06 -24.95 -19.42
N MET C 34 17.97 -25.85 -19.03
CA MET C 34 19.26 -25.40 -18.51
C MET C 34 20.08 -24.72 -19.60
N ALA C 35 20.07 -25.25 -20.81
CA ALA C 35 20.78 -24.61 -21.91
C ALA C 35 20.22 -23.23 -22.18
N TYR C 36 18.90 -23.08 -22.06
CA TYR C 36 18.31 -21.76 -22.25
C TYR C 36 18.79 -20.79 -21.17
N CYS C 37 18.75 -21.22 -19.90
CA CYS C 37 19.24 -20.35 -18.84
C CYS C 37 20.70 -19.99 -19.06
N GLU C 38 21.45 -20.89 -19.68
CA GLU C 38 22.85 -20.59 -19.97
C GLU C 38 22.99 -19.58 -21.10
N ALA C 39 22.19 -19.71 -22.15
CA ALA C 39 22.36 -18.86 -23.33
C ALA C 39 22.08 -17.40 -23.02
N HIS C 40 21.02 -17.12 -22.27
CA HIS C 40 20.70 -15.75 -21.86
C HIS C 40 21.15 -15.46 -20.43
N ALA C 41 22.27 -16.06 -20.01
CA ALA C 41 22.71 -15.88 -18.63
C ALA C 41 23.30 -14.50 -18.42
N LYS C 42 24.01 -13.98 -19.41
CA LYS C 42 24.71 -12.71 -19.25
C LYS C 42 23.77 -11.51 -19.38
N GLU C 43 22.51 -11.72 -19.78
CA GLU C 43 21.59 -10.63 -20.04
C GLU C 43 20.63 -10.38 -18.88
N ASP C 44 20.93 -10.84 -17.68
CA ASP C 44 20.00 -10.76 -16.56
C ASP C 44 20.52 -9.84 -15.49
N PRO C 45 19.98 -8.63 -15.35
CA PRO C 45 20.48 -7.71 -14.33
C PRO C 45 20.26 -8.18 -12.90
N LEU C 46 19.38 -9.13 -12.66
CA LEU C 46 19.21 -9.67 -11.32
C LEU C 46 20.17 -10.81 -11.04
N LEU C 47 20.88 -11.28 -12.04
CA LEU C 47 21.83 -12.39 -11.92
C LEU C 47 23.25 -11.98 -12.23
N THR C 48 23.44 -11.04 -13.15
CA THR C 48 24.73 -10.43 -13.44
C THR C 48 24.54 -8.93 -13.41
N PRO C 49 24.66 -8.31 -12.22
CA PRO C 49 24.28 -6.91 -12.09
C PRO C 49 25.02 -5.99 -13.05
N VAL C 50 24.29 -5.02 -13.58
CA VAL C 50 24.83 -4.08 -14.55
C VAL C 50 25.73 -3.07 -13.83
N PRO C 51 26.81 -2.61 -14.44
CA PRO C 51 27.58 -1.50 -13.84
C PRO C 51 26.72 -0.26 -13.71
N ALA C 52 27.01 0.53 -12.67
CA ALA C 52 26.13 1.64 -12.29
C ALA C 52 26.00 2.68 -13.40
N SER C 53 26.92 2.68 -14.36
CA SER C 53 26.80 3.61 -15.48
C SER C 53 25.54 3.36 -16.29
N GLU C 54 25.10 2.12 -16.39
CA GLU C 54 23.94 1.76 -17.19
C GLU C 54 22.77 1.26 -16.34
N ASN C 55 22.72 1.62 -15.05
CA ASN C 55 21.66 1.20 -14.16
C ASN C 55 20.71 2.37 -13.91
N PRO C 56 19.46 2.30 -14.35
CA PRO C 56 18.54 3.42 -14.13
C PRO C 56 18.18 3.65 -12.67
N PHE C 57 18.39 2.66 -11.82
CA PHE C 57 18.04 2.76 -10.41
C PHE C 57 19.24 3.08 -9.53
N ARG C 58 20.14 3.94 -10.00
CA ARG C 58 21.39 4.25 -9.28
C ARG C 58 22.18 2.99 -9.00
N CYS D 1 19.03 20.62 -6.93
CA CYS D 1 18.08 19.98 -7.84
C CYS D 1 18.53 20.11 -9.29
N THR D 2 18.84 18.98 -9.91
CA THR D 2 19.22 18.92 -11.31
C THR D 2 18.04 18.61 -12.22
N LEU D 3 16.82 18.65 -11.69
CA LEU D 3 15.65 18.29 -12.47
C LEU D 3 15.39 19.31 -13.57
N SER D 4 15.06 18.79 -14.74
CA SER D 4 14.70 19.66 -15.85
C SER D 4 13.30 20.24 -15.62
N ALA D 5 12.86 21.06 -16.58
CA ALA D 5 11.59 21.76 -16.42
C ALA D 5 10.43 20.81 -16.22
N GLU D 6 10.20 19.94 -17.19
CA GLU D 6 9.05 19.05 -17.12
C GLU D 6 9.17 18.13 -15.91
N ASP D 7 10.38 17.81 -15.50
CA ASP D 7 10.54 16.99 -14.30
C ASP D 7 10.04 17.74 -13.07
N LYS D 8 10.34 19.04 -12.98
CA LYS D 8 9.82 19.83 -11.87
C LYS D 8 8.31 19.87 -11.90
N ALA D 9 7.73 20.04 -13.09
CA ALA D 9 6.28 20.04 -13.20
C ALA D 9 5.69 18.70 -12.77
N ALA D 10 6.37 17.61 -13.12
CA ALA D 10 5.90 16.29 -12.73
C ALA D 10 5.93 16.13 -11.21
N VAL D 11 6.98 16.64 -10.57
CA VAL D 11 7.02 16.59 -9.12
C VAL D 11 5.85 17.37 -8.54
N GLU D 12 5.56 18.54 -9.10
CA GLU D 12 4.43 19.33 -8.61
C GLU D 12 3.12 18.56 -8.75
N ARG D 13 2.93 17.90 -9.89
CA ARG D 13 1.70 17.14 -10.10
C ARG D 13 1.61 15.97 -9.12
N SER D 14 2.74 15.31 -8.85
CA SER D 14 2.72 14.23 -7.88
C SER D 14 2.41 14.75 -6.48
N LYS D 15 2.87 15.95 -6.15
CA LYS D 15 2.50 16.53 -4.87
C LYS D 15 1.02 16.82 -4.81
N MET D 16 0.44 17.28 -5.92
CA MET D 16 -1.00 17.48 -5.97
C MET D 16 -1.75 16.17 -5.76
N ILE D 17 -1.28 15.11 -6.40
CA ILE D 17 -1.89 13.79 -6.22
C ILE D 17 -1.82 13.36 -4.77
N ASP D 18 -0.66 13.58 -4.13
CA ASP D 18 -0.52 13.23 -2.73
C ASP D 18 -1.43 14.08 -1.86
N ARG D 19 -1.67 15.32 -2.26
CA ARG D 19 -2.60 16.18 -1.51
C ARG D 19 -4.01 15.60 -1.56
N ASN D 20 -4.47 15.21 -2.74
CA ASN D 20 -5.79 14.60 -2.84
C ASN D 20 -5.84 13.28 -2.08
N LEU D 21 -4.75 12.51 -2.13
CA LEU D 21 -4.69 11.28 -1.35
C LEU D 21 -4.80 11.56 0.15
N ARG D 22 -4.11 12.58 0.65
CA ARG D 22 -4.21 12.91 2.07
C ARG D 22 -5.64 13.31 2.40
N GLU D 23 -6.28 14.08 1.52
CA GLU D 23 -7.64 14.53 1.78
C GLU D 23 -8.59 13.35 1.89
N ASP D 24 -8.47 12.37 0.99
CA ASP D 24 -9.34 11.20 1.10
C ASP D 24 -8.95 10.32 2.28
N GLY D 25 -7.66 10.27 2.60
CA GLY D 25 -7.24 9.52 3.78
C GLY D 25 -7.79 10.10 5.05
N GLU D 26 -8.06 11.40 5.06
CA GLU D 26 -8.62 12.06 6.25
C GLU D 26 -9.90 11.38 6.72
N LYS D 27 -10.64 10.77 5.80
CA LYS D 27 -11.80 9.98 6.17
C LYS D 27 -11.57 8.48 6.01
N ALA D 28 -10.59 8.06 5.23
CA ALA D 28 -10.37 6.64 5.03
C ALA D 28 -9.71 6.00 6.25
N ARG D 29 -8.88 6.76 6.97
CA ARG D 29 -8.10 6.15 8.05
C ARG D 29 -8.94 5.89 9.29
N ARG D 30 -10.12 6.51 9.37
CA ARG D 30 -11.02 6.33 10.50
C ARG D 30 -12.22 5.47 10.16
N GLU D 31 -12.15 4.69 9.09
CA GLU D 31 -13.25 3.85 8.66
C GLU D 31 -13.05 2.42 9.13
N LEU D 32 -14.12 1.82 9.63
CA LEU D 32 -14.12 0.41 10.01
C LEU D 32 -14.97 -0.38 9.01
N LYS D 33 -14.52 -1.57 8.67
CA LYS D 33 -15.28 -2.46 7.80
C LYS D 33 -15.93 -3.54 8.65
N LEU D 34 -17.23 -3.68 8.52
CA LEU D 34 -18.00 -4.65 9.29
C LEU D 34 -18.73 -5.57 8.33
N LEU D 35 -18.28 -6.81 8.21
CA LEU D 35 -18.78 -7.70 7.19
C LEU D 35 -20.16 -8.18 7.55
N LEU D 36 -21.16 -7.86 6.74
CA LEU D 36 -22.55 -8.21 7.01
C LEU D 36 -22.90 -9.49 6.28
N LEU D 37 -23.52 -10.43 6.99
CA LEU D 37 -23.80 -11.76 6.46
C LEU D 37 -25.21 -12.20 6.78
N GLY D 38 -25.67 -13.20 6.03
CA GLY D 38 -27.03 -13.75 6.21
C GLY D 38 -27.42 -14.66 5.05
N THR D 39 -28.39 -15.55 5.26
CA THR D 39 -28.85 -16.49 4.19
C THR D 39 -30.33 -16.79 4.38
N GLY D 40 -31.03 -17.10 3.28
CA GLY D 40 -32.44 -17.41 3.32
C GLY D 40 -33.37 -16.31 2.85
N GLU D 41 -32.84 -15.29 2.17
CA GLU D 41 -33.62 -14.13 1.76
C GLU D 41 -34.37 -13.54 2.94
N SER D 42 -33.71 -13.56 4.10
CA SER D 42 -34.28 -12.97 5.31
C SER D 42 -34.38 -11.45 5.23
N GLY D 43 -33.69 -10.83 4.29
CA GLY D 43 -33.74 -9.39 4.15
C GLY D 43 -32.69 -8.65 4.94
N LYS D 44 -31.42 -9.03 4.80
CA LYS D 44 -30.35 -8.27 5.43
C LYS D 44 -30.24 -6.88 4.85
N SER D 45 -30.35 -6.76 3.52
CA SER D 45 -30.37 -5.45 2.88
C SER D 45 -31.48 -4.57 3.42
N THR D 46 -32.68 -5.12 3.61
CA THR D 46 -33.79 -4.33 4.15
C THR D 46 -33.46 -3.83 5.56
N PHE D 47 -32.83 -4.66 6.37
CA PHE D 47 -32.50 -4.25 7.73
C PHE D 47 -31.47 -3.12 7.75
N ILE D 48 -30.48 -3.20 6.85
CA ILE D 48 -29.50 -2.12 6.79
C ILE D 48 -30.14 -0.84 6.29
N LYS D 49 -31.02 -0.95 5.28
CA LYS D 49 -31.74 0.23 4.81
C LYS D 49 -32.62 0.80 5.91
N GLN D 50 -33.16 -0.07 6.77
CA GLN D 50 -33.94 0.40 7.90
C GLN D 50 -33.08 1.20 8.87
N MET D 51 -31.84 0.74 9.14
CA MET D 51 -30.96 1.55 9.96
C MET D 51 -30.66 2.89 9.29
N ARG D 52 -30.40 2.86 7.97
CA ARG D 52 -30.15 4.11 7.25
C ARG D 52 -31.32 5.08 7.40
N ILE D 53 -32.55 4.56 7.38
CA ILE D 53 -33.72 5.40 7.60
C ILE D 53 -33.74 5.91 9.04
N ILE D 54 -33.43 5.04 10.00
CA ILE D 54 -33.62 5.37 11.41
C ILE D 54 -32.74 6.53 11.82
N HIS D 55 -31.45 6.46 11.50
CA HIS D 55 -30.55 7.57 11.81
C HIS D 55 -29.50 7.64 10.72
N GLY D 56 -29.21 8.86 10.26
CA GLY D 56 -28.23 9.07 9.22
C GLY D 56 -26.81 8.92 9.73
N THR D 179 -26.54 -11.28 -6.48
CA THR D 179 -25.11 -10.99 -6.47
C THR D 179 -24.85 -9.50 -6.62
N GLY D 180 -24.47 -8.86 -5.52
CA GLY D 180 -24.15 -7.44 -5.55
C GLY D 180 -23.58 -7.02 -4.21
N ILE D 181 -22.93 -5.87 -4.21
CA ILE D 181 -22.34 -5.28 -3.02
C ILE D 181 -23.00 -3.94 -2.77
N ILE D 182 -23.53 -3.76 -1.56
CA ILE D 182 -24.15 -2.50 -1.17
C ILE D 182 -23.46 -2.04 0.11
N GLU D 183 -22.95 -0.82 0.10
CA GLU D 183 -22.17 -0.32 1.22
C GLU D 183 -22.93 0.82 1.89
N TYR D 184 -23.07 0.73 3.20
CA TYR D 184 -23.91 1.65 3.97
C TYR D 184 -23.04 2.36 5.02
N PRO D 185 -22.71 3.63 4.79
CA PRO D 185 -22.00 4.39 5.82
C PRO D 185 -22.88 4.72 7.01
N PHE D 186 -22.24 4.77 8.18
CA PHE D 186 -22.82 5.23 9.43
C PHE D 186 -21.86 6.21 10.06
N ASP D 187 -22.39 7.30 10.61
CA ASP D 187 -21.57 8.25 11.35
C ASP D 187 -22.01 8.22 12.80
N LEU D 188 -21.28 7.47 13.61
CA LEU D 188 -21.61 7.27 15.02
C LEU D 188 -20.52 7.91 15.86
N GLN D 189 -20.92 8.93 16.63
CA GLN D 189 -20.07 9.52 17.66
C GLN D 189 -18.69 9.89 17.12
N SER D 190 -18.69 10.66 16.03
CA SER D 190 -17.46 11.14 15.41
C SER D 190 -16.58 10.00 14.91
N VAL D 191 -17.21 8.90 14.48
CA VAL D 191 -16.53 7.80 13.83
C VAL D 191 -17.35 7.38 12.62
N ILE D 192 -16.68 6.89 11.57
CA ILE D 192 -17.36 6.42 10.38
C ILE D 192 -17.27 4.90 10.34
N PHE D 193 -18.41 4.24 10.50
CA PHE D 193 -18.57 2.82 10.26
C PHE D 193 -19.04 2.66 8.83
N ARG D 194 -18.76 1.52 8.22
CA ARG D 194 -19.22 1.29 6.86
C ARG D 194 -19.61 -0.16 6.67
N MET D 195 -20.92 -0.42 6.78
CA MET D 195 -21.47 -1.80 6.66
C MET D 195 -21.29 -2.26 5.20
N VAL D 196 -20.70 -3.44 5.01
CA VAL D 196 -20.46 -4.04 3.71
C VAL D 196 -21.49 -5.14 3.54
N ASP D 197 -22.33 -5.05 2.52
CA ASP D 197 -23.37 -6.04 2.28
C ASP D 197 -23.01 -6.80 1.01
N VAL D 198 -22.57 -8.03 1.18
CA VAL D 198 -22.24 -8.93 0.09
C VAL D 198 -22.67 -10.31 0.54
N GLY D 199 -22.69 -11.26 -0.40
CA GLY D 199 -23.02 -12.63 -0.08
C GLY D 199 -24.07 -13.24 -0.98
N GLY D 200 -24.47 -12.50 -2.01
CA GLY D 200 -25.37 -13.07 -3.01
C GLY D 200 -24.72 -14.08 -3.92
N GLN D 201 -23.38 -14.19 -3.86
CA GLN D 201 -22.60 -15.12 -4.73
C GLN D 201 -22.58 -16.49 -4.04
N ARG D 202 -22.43 -17.56 -4.83
CA ARG D 202 -22.41 -18.94 -4.36
C ARG D 202 -21.05 -19.58 -4.58
N SER D 203 -20.04 -18.79 -4.91
CA SER D 203 -18.73 -19.34 -5.20
C SER D 203 -18.06 -19.83 -3.92
N GLU D 204 -16.86 -20.37 -4.10
CA GLU D 204 -16.12 -20.97 -2.99
C GLU D 204 -15.44 -19.82 -2.24
N ARG D 205 -16.15 -19.28 -1.25
CA ARG D 205 -15.85 -17.95 -0.71
C ARG D 205 -14.51 -17.89 -0.01
N ARG D 206 -13.88 -19.04 0.27
CA ARG D 206 -12.62 -19.04 1.01
C ARG D 206 -11.57 -18.19 0.32
N LYS D 207 -11.40 -18.37 -1.00
CA LYS D 207 -10.46 -17.57 -1.75
C LYS D 207 -11.06 -16.26 -2.26
N TRP D 208 -12.19 -15.83 -1.68
CA TRP D 208 -12.73 -14.50 -1.96
C TRP D 208 -12.94 -13.67 -0.71
N ILE D 209 -13.09 -14.30 0.45
CA ILE D 209 -13.08 -13.58 1.71
C ILE D 209 -11.68 -13.13 2.12
N HIS D 210 -10.66 -13.32 1.27
CA HIS D 210 -9.34 -12.81 1.60
C HIS D 210 -9.32 -11.31 1.73
N CYS D 211 -10.18 -10.60 0.98
CA CYS D 211 -10.30 -9.16 1.15
C CYS D 211 -10.82 -8.79 2.54
N PHE D 212 -11.37 -9.76 3.28
CA PHE D 212 -11.86 -9.56 4.63
C PHE D 212 -11.07 -10.37 5.65
N GLU D 213 -9.75 -10.50 5.47
CA GLU D 213 -8.99 -11.37 6.35
C GLU D 213 -8.90 -10.79 7.76
N ASN D 214 -8.80 -9.47 7.87
CA ASN D 214 -8.80 -8.80 9.17
C ASN D 214 -9.94 -7.79 9.17
N VAL D 215 -11.10 -8.19 9.65
CA VAL D 215 -12.24 -7.29 9.76
C VAL D 215 -12.53 -7.04 11.22
N THR D 216 -13.09 -5.86 11.49
CA THR D 216 -13.39 -5.49 12.86
C THR D 216 -14.46 -6.40 13.45
N SER D 217 -15.50 -6.71 12.69
CA SER D 217 -16.55 -7.58 13.20
C SER D 217 -17.33 -8.20 12.05
N ILE D 218 -18.00 -9.28 12.38
CA ILE D 218 -18.77 -10.07 11.42
C ILE D 218 -20.21 -10.07 11.91
N MET D 219 -21.03 -9.21 11.31
CA MET D 219 -22.47 -9.09 11.68
C MET D 219 -23.22 -10.22 10.95
N PHE D 220 -24.00 -11.01 11.67
CA PHE D 220 -24.73 -12.13 11.11
C PHE D 220 -26.20 -11.95 11.42
N LEU D 221 -27.01 -11.77 10.41
CA LEU D 221 -28.43 -11.55 10.62
C LEU D 221 -29.15 -12.88 10.48
N VAL D 222 -30.10 -13.13 11.35
CA VAL D 222 -30.93 -14.33 11.30
C VAL D 222 -32.37 -13.88 11.34
N ALA D 223 -33.25 -14.64 10.70
CA ALA D 223 -34.67 -14.34 10.78
C ALA D 223 -35.33 -15.31 11.75
N LEU D 224 -35.85 -14.76 12.85
CA LEU D 224 -36.50 -15.61 13.83
C LEU D 224 -37.81 -16.21 13.32
N SER D 225 -38.37 -15.66 12.25
CA SER D 225 -39.58 -16.23 11.68
C SER D 225 -39.31 -17.52 10.91
N GLU D 226 -38.05 -17.90 10.75
CA GLU D 226 -37.70 -19.07 9.96
C GLU D 226 -38.18 -20.38 10.56
N TYR D 227 -38.63 -20.40 11.82
CA TYR D 227 -38.83 -21.67 12.49
C TYR D 227 -40.06 -22.36 11.95
N ASP D 228 -39.93 -23.68 11.75
CA ASP D 228 -40.97 -24.49 11.12
C ASP D 228 -41.38 -23.91 9.78
N GLN D 229 -40.38 -23.45 9.02
CA GLN D 229 -40.60 -22.92 7.68
C GLN D 229 -39.44 -23.33 6.80
N VAL D 230 -39.74 -24.08 5.76
CA VAL D 230 -38.71 -24.54 4.82
C VAL D 230 -38.20 -23.38 3.99
N ASP D 235 -37.05 -25.12 -0.18
CA ASP D 235 -36.83 -26.39 -0.87
C ASP D 235 -37.56 -27.51 -0.12
N ASN D 236 -36.85 -28.22 0.76
CA ASN D 236 -37.42 -29.32 1.52
C ASN D 236 -36.96 -29.34 2.97
N GLU D 237 -36.16 -28.37 3.41
CA GLU D 237 -35.59 -28.37 4.74
C GLU D 237 -35.83 -27.02 5.41
N ASN D 238 -36.08 -27.06 6.72
CA ASN D 238 -36.35 -25.85 7.48
C ASN D 238 -35.16 -24.91 7.41
N ARG D 239 -35.44 -23.61 7.49
CA ARG D 239 -34.41 -22.65 7.13
C ARG D 239 -33.30 -22.54 8.18
N MET D 240 -33.62 -22.59 9.48
CA MET D 240 -32.53 -22.37 10.43
C MET D 240 -31.49 -23.47 10.46
N GLU D 241 -31.81 -24.73 10.14
CA GLU D 241 -30.70 -25.67 10.12
C GLU D 241 -29.64 -25.28 9.09
N GLU D 242 -30.05 -24.91 7.87
CA GLU D 242 -29.08 -24.44 6.90
C GLU D 242 -28.42 -23.14 7.36
N SER D 243 -29.21 -22.19 7.86
CA SER D 243 -28.62 -20.92 8.25
C SER D 243 -27.61 -21.09 9.36
N LYS D 244 -27.90 -21.94 10.35
CA LYS D 244 -26.97 -22.12 11.46
C LYS D 244 -25.77 -22.95 11.03
N ALA D 245 -25.92 -23.86 10.08
CA ALA D 245 -24.75 -24.50 9.52
C ALA D 245 -23.84 -23.45 8.89
N LEU D 246 -24.42 -22.52 8.14
CA LEU D 246 -23.64 -21.43 7.57
C LEU D 246 -22.99 -20.59 8.67
N PHE D 247 -23.75 -20.33 9.74
CA PHE D 247 -23.27 -19.51 10.84
C PHE D 247 -22.06 -20.13 11.51
N ARG D 248 -22.13 -21.43 11.80
CA ARG D 248 -21.00 -22.11 12.42
C ARG D 248 -19.82 -22.20 11.46
N THR D 249 -20.10 -22.36 10.16
CA THR D 249 -19.03 -22.39 9.18
C THR D 249 -18.25 -21.08 9.19
N ILE D 250 -18.96 -19.95 9.29
CA ILE D 250 -18.27 -18.66 9.34
C ILE D 250 -17.58 -18.46 10.67
N ILE D 251 -18.25 -18.82 11.77
CA ILE D 251 -17.68 -18.54 13.08
C ILE D 251 -16.48 -19.42 13.36
N THR D 252 -16.28 -20.48 12.57
CA THR D 252 -15.15 -21.36 12.77
C THR D 252 -14.06 -21.23 11.71
N TYR D 253 -14.17 -20.32 10.76
CA TYR D 253 -13.09 -20.14 9.80
C TYR D 253 -11.80 -19.73 10.52
N PRO D 254 -10.66 -20.29 10.11
CA PRO D 254 -9.38 -19.80 10.64
C PRO D 254 -9.02 -18.42 10.12
N TRP D 255 -9.69 -17.96 9.06
CA TRP D 255 -9.40 -16.68 8.46
C TRP D 255 -9.95 -15.52 9.29
N PHE D 256 -10.84 -15.80 10.22
CA PHE D 256 -11.64 -14.79 10.89
C PHE D 256 -11.41 -14.83 12.41
N GLN D 257 -10.28 -15.38 12.83
CA GLN D 257 -10.09 -15.64 14.25
C GLN D 257 -10.02 -14.38 15.09
N ASN D 258 -9.58 -13.26 14.53
CA ASN D 258 -9.40 -12.04 15.30
C ASN D 258 -10.61 -11.13 15.28
N SER D 259 -11.72 -11.56 14.71
CA SER D 259 -12.90 -10.72 14.58
C SER D 259 -14.02 -11.24 15.46
N SER D 260 -14.66 -10.32 16.18
CA SER D 260 -15.83 -10.66 16.96
C SER D 260 -17.00 -10.92 16.03
N VAL D 261 -17.97 -11.67 16.52
CA VAL D 261 -19.14 -12.04 15.74
C VAL D 261 -20.36 -11.44 16.41
N ILE D 262 -21.07 -10.60 15.69
CA ILE D 262 -22.26 -9.94 16.19
C ILE D 262 -23.43 -10.66 15.56
N LEU D 263 -24.58 -10.67 16.22
CA LEU D 263 -25.69 -11.53 15.84
C LEU D 263 -26.99 -10.74 15.99
N PHE D 264 -27.74 -10.65 14.91
CA PHE D 264 -28.96 -9.84 14.90
C PHE D 264 -30.15 -10.70 14.53
N LEU D 265 -30.97 -11.02 15.52
CA LEU D 265 -32.14 -11.83 15.30
C LEU D 265 -33.31 -10.91 14.98
N ASN D 266 -33.59 -10.74 13.68
CA ASN D 266 -34.60 -9.75 13.23
C ASN D 266 -36.02 -10.32 13.15
N LYS D 267 -37.00 -9.41 13.07
CA LYS D 267 -38.44 -9.72 12.93
C LYS D 267 -38.93 -10.60 14.09
N LYS D 268 -39.13 -10.02 15.29
CA LYS D 268 -39.68 -10.82 16.37
C LYS D 268 -41.19 -10.69 16.51
N ASP D 269 -41.79 -9.64 15.97
CA ASP D 269 -43.24 -9.53 16.03
C ASP D 269 -43.91 -10.68 15.30
N LEU D 270 -43.41 -11.02 14.10
CA LEU D 270 -43.96 -12.17 13.40
C LEU D 270 -43.66 -13.45 14.16
N LEU D 271 -42.56 -13.48 14.91
CA LEU D 271 -42.33 -14.61 15.80
C LEU D 271 -43.49 -14.74 16.78
N GLU D 272 -43.89 -13.62 17.39
CA GLU D 272 -45.02 -13.65 18.30
C GLU D 272 -46.28 -14.14 17.59
N GLU D 273 -46.51 -13.64 16.37
CA GLU D 273 -47.68 -14.08 15.62
C GLU D 273 -47.65 -15.59 15.37
N LYS D 274 -46.48 -16.13 15.04
CA LYS D 274 -46.38 -17.55 14.72
C LYS D 274 -46.47 -18.41 15.97
N ILE D 275 -46.15 -17.82 17.14
CA ILE D 275 -46.33 -18.54 18.39
C ILE D 275 -47.80 -18.82 18.64
N MET D 276 -48.68 -17.92 18.18
CA MET D 276 -50.11 -18.22 18.25
C MET D 276 -50.48 -19.37 17.33
N TYR D 277 -49.57 -19.80 16.46
CA TYR D 277 -49.79 -20.95 15.58
C TYR D 277 -48.88 -22.13 15.88
N SER D 278 -47.57 -21.92 15.86
CA SER D 278 -46.62 -23.02 15.78
C SER D 278 -45.81 -23.17 17.06
N HIS D 279 -45.72 -24.41 17.53
CA HIS D 279 -44.84 -24.79 18.61
C HIS D 279 -43.44 -25.04 18.07
N LEU D 280 -42.44 -24.70 18.88
CA LEU D 280 -41.05 -24.97 18.48
C LEU D 280 -40.80 -26.46 18.35
N VAL D 281 -41.36 -27.26 19.26
CA VAL D 281 -41.16 -28.70 19.23
C VAL D 281 -41.72 -29.31 17.96
N ASP D 282 -42.53 -28.56 17.20
CA ASP D 282 -43.08 -29.07 15.96
C ASP D 282 -42.00 -29.35 14.93
N TYR D 283 -40.84 -28.68 15.04
CA TYR D 283 -39.74 -28.95 14.12
C TYR D 283 -38.44 -29.27 14.83
N PHE D 284 -38.21 -28.74 16.03
CA PHE D 284 -36.97 -28.99 16.77
C PHE D 284 -37.34 -29.62 18.10
N PRO D 285 -37.28 -30.95 18.20
CA PRO D 285 -37.82 -31.63 19.38
C PRO D 285 -37.12 -31.26 20.68
N GLU D 286 -35.89 -30.76 20.63
CA GLU D 286 -35.14 -30.56 21.85
C GLU D 286 -35.51 -29.25 22.56
N TYR D 287 -36.59 -28.60 22.13
CA TYR D 287 -37.12 -27.48 22.87
C TYR D 287 -37.88 -27.97 24.10
N ASP D 288 -37.86 -27.16 25.16
CA ASP D 288 -38.66 -27.42 26.35
C ASP D 288 -39.18 -26.11 26.90
N GLY D 289 -40.50 -26.01 27.05
CA GLY D 289 -41.11 -24.82 27.58
C GLY D 289 -42.60 -24.80 27.32
N PRO D 290 -43.28 -23.74 27.77
CA PRO D 290 -44.71 -23.63 27.53
C PRO D 290 -45.01 -23.51 26.04
N GLN D 291 -46.26 -23.83 25.69
CA GLN D 291 -46.65 -23.83 24.28
C GLN D 291 -46.48 -22.46 23.65
N ARG D 292 -46.89 -21.40 24.34
CA ARG D 292 -46.82 -20.05 23.81
C ARG D 292 -45.97 -19.12 24.67
N ASP D 293 -44.78 -19.58 25.06
CA ASP D 293 -43.85 -18.76 25.82
C ASP D 293 -42.87 -18.11 24.85
N ALA D 294 -43.23 -16.93 24.34
CA ALA D 294 -42.40 -16.26 23.36
C ALA D 294 -41.02 -15.92 23.90
N GLN D 295 -40.93 -15.45 25.14
CA GLN D 295 -39.63 -15.13 25.72
C GLN D 295 -38.76 -16.38 25.81
N ALA D 296 -39.36 -17.51 26.16
CA ALA D 296 -38.62 -18.77 26.14
C ALA D 296 -38.14 -19.09 24.73
N ALA D 297 -38.97 -18.81 23.73
CA ALA D 297 -38.56 -19.06 22.35
C ALA D 297 -37.34 -18.23 21.97
N ARG D 298 -37.39 -16.93 22.27
CA ARG D 298 -36.25 -16.08 21.95
C ARG D 298 -35.01 -16.55 22.68
N GLU D 299 -35.13 -16.85 23.97
CA GLU D 299 -33.97 -17.27 24.74
C GLU D 299 -33.40 -18.58 24.21
N PHE D 300 -34.28 -19.54 23.88
CA PHE D 300 -33.79 -20.81 23.36
C PHE D 300 -33.08 -20.64 22.02
N ILE D 301 -33.65 -19.83 21.13
CA ILE D 301 -33.04 -19.68 19.81
C ILE D 301 -31.69 -18.98 19.91
N LEU D 302 -31.62 -17.92 20.72
CA LEU D 302 -30.35 -17.25 20.93
C LEU D 302 -29.33 -18.20 21.55
N LYS D 303 -29.78 -19.03 22.51
CA LYS D 303 -28.90 -20.02 23.13
C LYS D 303 -28.43 -21.02 22.09
N MET D 304 -29.35 -21.46 21.23
CA MET D 304 -29.05 -22.37 20.12
C MET D 304 -27.93 -21.83 19.26
N PHE D 305 -27.99 -20.54 18.91
CA PHE D 305 -26.95 -19.98 18.05
C PHE D 305 -25.67 -19.74 18.83
N VAL D 306 -25.77 -19.53 20.15
CA VAL D 306 -24.56 -19.33 20.95
C VAL D 306 -23.78 -20.63 21.09
N ASP D 307 -24.47 -21.76 21.30
CA ASP D 307 -23.73 -22.99 21.56
C ASP D 307 -22.79 -23.39 20.43
N LEU D 308 -23.12 -23.07 19.18
CA LEU D 308 -22.25 -23.47 18.09
C LEU D 308 -20.91 -22.77 18.13
N ASN D 309 -20.71 -21.84 19.05
CA ASN D 309 -19.39 -21.26 19.22
C ASN D 309 -18.45 -22.36 19.69
N PRO D 310 -17.35 -22.57 19.00
CA PRO D 310 -16.48 -23.71 19.30
C PRO D 310 -15.76 -23.53 20.63
N ASP D 311 -14.85 -24.47 20.88
CA ASP D 311 -14.07 -24.43 22.12
C ASP D 311 -13.32 -23.11 22.28
N SER D 312 -13.03 -22.44 21.17
CA SER D 312 -12.31 -21.17 21.24
C SER D 312 -13.13 -20.13 21.99
N ASP D 313 -12.44 -19.28 22.73
CA ASP D 313 -13.07 -18.25 23.56
C ASP D 313 -13.29 -17.00 22.72
N LYS D 314 -14.32 -17.05 21.88
CA LYS D 314 -14.71 -15.93 21.03
C LYS D 314 -15.98 -15.31 21.59
N ILE D 315 -15.99 -13.98 21.66
CA ILE D 315 -17.07 -13.24 22.28
C ILE D 315 -18.18 -13.07 21.26
N LEU D 316 -19.26 -13.83 21.44
CA LEU D 316 -20.40 -13.80 20.53
C LEU D 316 -21.46 -12.87 21.09
N TYR D 317 -21.68 -11.75 20.42
CA TYR D 317 -22.66 -10.78 20.88
C TYR D 317 -24.05 -11.20 20.45
N SER D 318 -25.05 -10.50 20.93
CA SER D 318 -26.40 -10.91 20.62
C SER D 318 -27.32 -9.71 20.70
N HIS D 319 -28.48 -9.83 20.03
CA HIS D 319 -29.54 -8.86 20.17
C HIS D 319 -30.83 -9.38 19.55
N PHE D 320 -31.93 -8.72 19.88
CA PHE D 320 -33.20 -8.87 19.20
C PHE D 320 -33.67 -7.49 18.78
N THR D 321 -33.93 -7.30 17.49
CA THR D 321 -34.24 -5.98 16.98
C THR D 321 -35.71 -5.89 16.59
N CYS D 322 -36.20 -4.66 16.49
CA CYS D 322 -37.52 -4.41 15.96
C CYS D 322 -37.47 -3.16 15.09
N ALA D 323 -38.58 -2.90 14.39
CA ALA D 323 -38.61 -1.76 13.48
C ALA D 323 -38.42 -0.43 14.21
N THR D 324 -39.03 -0.27 15.38
CA THR D 324 -38.89 0.94 16.17
C THR D 324 -37.68 0.91 17.08
N ASP D 325 -36.84 -0.12 16.95
CA ASP D 325 -35.73 -0.35 17.86
C ASP D 325 -34.66 0.69 17.53
N THR D 326 -34.88 1.93 17.97
CA THR D 326 -33.93 3.00 17.69
C THR D 326 -32.62 2.83 18.45
N GLU D 327 -32.56 1.91 19.41
CA GLU D 327 -31.37 1.66 20.21
C GLU D 327 -30.42 0.67 19.57
N ASN D 328 -30.91 -0.19 18.67
CA ASN D 328 -30.10 -1.31 18.20
C ASN D 328 -28.85 -0.83 17.50
N ILE D 329 -28.96 0.22 16.69
CA ILE D 329 -27.78 0.76 16.02
C ILE D 329 -26.71 1.08 17.05
N ARG D 330 -27.09 1.72 18.16
CA ARG D 330 -26.10 2.05 19.18
C ARG D 330 -25.30 0.83 19.58
N PHE D 331 -25.96 -0.32 19.76
CA PHE D 331 -25.26 -1.49 20.25
C PHE D 331 -24.16 -1.92 19.29
N VAL D 332 -24.39 -1.78 17.99
CA VAL D 332 -23.32 -2.12 17.05
C VAL D 332 -22.07 -1.32 17.41
N PHE D 333 -22.23 0.00 17.52
CA PHE D 333 -21.15 0.83 18.01
C PHE D 333 -20.62 0.28 19.32
N ALA D 334 -21.51 0.12 20.31
CA ALA D 334 -21.09 -0.44 21.57
C ALA D 334 -20.32 -1.72 21.35
N ALA D 335 -20.89 -2.64 20.57
CA ALA D 335 -20.23 -3.92 20.36
C ALA D 335 -18.84 -3.71 19.79
N VAL D 336 -18.73 -2.91 18.74
CA VAL D 336 -17.42 -2.71 18.13
C VAL D 336 -16.46 -2.15 19.15
N LYS D 337 -16.93 -1.21 19.98
CA LYS D 337 -16.10 -0.69 21.06
C LYS D 337 -15.43 -1.83 21.80
N ASP D 338 -16.25 -2.71 22.39
CA ASP D 338 -15.69 -3.78 23.19
C ASP D 338 -14.73 -4.61 22.36
N THR D 339 -15.08 -4.89 21.11
CA THR D 339 -14.21 -5.69 20.25
C THR D 339 -12.82 -5.08 20.21
N ILE D 340 -12.72 -3.80 19.88
CA ILE D 340 -11.42 -3.17 19.80
C ILE D 340 -10.77 -3.23 21.17
N LEU D 341 -11.53 -2.91 22.22
CA LEU D 341 -11.01 -2.99 23.57
C LEU D 341 -10.39 -4.35 23.82
N GLN D 342 -11.10 -5.41 23.43
CA GLN D 342 -10.57 -6.76 23.64
C GLN D 342 -9.22 -6.91 22.98
N LEU D 343 -9.10 -6.54 21.71
CA LEU D 343 -7.81 -6.67 21.04
C LEU D 343 -6.73 -5.93 21.80
N ASN D 344 -7.03 -4.71 22.25
CA ASN D 344 -6.03 -3.97 23.00
C ASN D 344 -5.57 -4.77 24.21
N LEU D 345 -6.52 -5.29 25.00
CA LEU D 345 -6.14 -6.08 26.16
C LEU D 345 -5.42 -7.35 25.75
N LYS D 346 -5.73 -7.84 24.55
CA LYS D 346 -5.14 -9.10 24.01
C LYS D 346 -3.72 -8.80 23.50
N GLU D 347 -3.42 -7.52 23.25
CA GLU D 347 -2.08 -7.12 22.81
C GLU D 347 -1.18 -6.84 24.00
N TYR D 348 -1.76 -6.45 25.14
CA TYR D 348 -1.02 -6.15 26.35
C TYR D 348 -1.01 -7.31 27.32
N ASN D 349 -1.55 -8.45 26.93
CA ASN D 349 -1.57 -9.65 27.76
C ASN D 349 -2.24 -9.39 29.10
N LEU D 350 -3.32 -8.62 29.07
CA LEU D 350 -4.19 -8.43 30.23
C LEU D 350 -5.33 -9.43 30.27
N VAL D 351 -5.41 -10.29 29.25
CA VAL D 351 -6.45 -11.35 29.09
C VAL D 351 -5.77 -12.72 29.16
N ASP E 1 -14.29 16.61 -28.98
CA ASP E 1 -13.15 17.50 -29.05
C ASP E 1 -13.19 18.51 -27.89
N VAL E 2 -12.04 19.11 -27.57
CA VAL E 2 -11.93 20.06 -26.49
C VAL E 2 -12.05 21.46 -27.06
N GLN E 3 -12.30 22.43 -26.19
CA GLN E 3 -12.61 23.77 -26.65
C GLN E 3 -12.07 24.80 -25.66
N LEU E 4 -11.42 25.82 -26.20
CA LEU E 4 -11.03 26.99 -25.43
C LEU E 4 -11.46 28.22 -26.22
N VAL E 5 -12.03 29.21 -25.55
CA VAL E 5 -12.43 30.46 -26.21
C VAL E 5 -11.91 31.62 -25.38
N GLU E 6 -11.24 32.56 -26.05
CA GLU E 6 -10.75 33.72 -25.32
C GLU E 6 -11.60 34.94 -25.65
N SER E 7 -11.45 35.96 -24.82
CA SER E 7 -12.22 37.19 -24.96
C SER E 7 -11.50 38.28 -24.17
N GLY E 8 -11.99 39.50 -24.32
CA GLY E 8 -11.35 40.65 -23.72
C GLY E 8 -10.47 41.44 -24.67
N GLY E 9 -10.56 41.19 -25.96
CA GLY E 9 -9.73 41.88 -26.92
C GLY E 9 -10.19 43.28 -27.24
N GLY E 10 -10.12 44.19 -26.25
CA GLY E 10 -10.44 45.58 -26.48
C GLY E 10 -9.30 46.32 -27.15
N LEU E 11 -9.61 47.53 -27.60
CA LEU E 11 -8.63 48.42 -28.22
C LEU E 11 -8.44 49.62 -27.31
N VAL E 12 -7.23 49.80 -26.80
CA VAL E 12 -6.97 50.70 -25.68
C VAL E 12 -5.81 51.62 -26.05
N GLN E 13 -5.83 52.83 -25.47
CA GLN E 13 -4.73 53.78 -25.51
C GLN E 13 -3.61 53.31 -24.59
N PRO E 14 -2.36 53.61 -24.92
CA PRO E 14 -1.24 52.94 -24.27
C PRO E 14 -1.21 53.20 -22.77
N GLY E 15 -0.53 52.31 -22.05
CA GLY E 15 -0.36 52.42 -20.62
C GLY E 15 -1.57 51.99 -19.82
N GLY E 16 -2.63 51.55 -20.48
CA GLY E 16 -3.86 51.22 -19.80
C GLY E 16 -3.80 49.85 -19.13
N SER E 17 -5.00 49.32 -18.88
CA SER E 17 -5.16 48.01 -18.26
C SER E 17 -6.23 47.25 -19.00
N ARG E 18 -6.13 45.93 -18.97
CA ARG E 18 -7.08 45.06 -19.65
C ARG E 18 -7.22 43.75 -18.90
N LYS E 19 -8.16 42.93 -19.33
CA LYS E 19 -8.30 41.57 -18.84
C LYS E 19 -8.55 40.65 -20.03
N LEU E 20 -7.92 39.49 -20.03
CA LEU E 20 -8.14 38.50 -21.06
C LEU E 20 -8.64 37.20 -20.44
N SER E 21 -9.64 36.61 -21.08
CA SER E 21 -10.34 35.47 -20.52
C SER E 21 -10.25 34.28 -21.47
N CYS E 22 -9.94 33.13 -20.89
CA CYS E 22 -9.80 31.87 -21.59
C CYS E 22 -10.76 30.89 -20.94
N SER E 23 -11.97 30.79 -21.48
CA SER E 23 -12.99 29.89 -20.98
C SER E 23 -12.74 28.50 -21.55
N ALA E 24 -12.68 27.51 -20.66
CA ALA E 24 -12.39 26.13 -21.04
C ALA E 24 -13.65 25.30 -20.99
N SER E 25 -13.87 24.50 -22.03
CA SER E 25 -15.01 23.62 -22.08
C SER E 25 -14.62 22.34 -22.82
N GLY E 26 -14.74 21.22 -22.12
CA GLY E 26 -14.45 19.95 -22.75
C GLY E 26 -13.29 19.19 -22.17
N PHE E 27 -12.75 19.60 -21.02
CA PHE E 27 -11.75 18.79 -20.35
C PHE E 27 -11.69 19.16 -18.88
N ALA E 28 -10.94 18.36 -18.12
CA ALA E 28 -10.74 18.61 -16.69
C ALA E 28 -9.71 19.72 -16.52
N PHE E 29 -10.23 20.95 -16.41
CA PHE E 29 -9.36 22.12 -16.36
C PHE E 29 -8.52 22.15 -15.10
N SER E 30 -9.02 21.56 -14.02
CA SER E 30 -8.32 21.64 -12.75
C SER E 30 -7.04 20.84 -12.74
N SER E 31 -6.81 19.99 -13.74
CA SER E 31 -5.62 19.16 -13.76
C SER E 31 -4.58 19.63 -14.77
N PHE E 32 -4.89 20.62 -15.59
CA PHE E 32 -3.97 21.10 -16.61
C PHE E 32 -3.38 22.43 -16.18
N GLY E 33 -2.06 22.56 -16.36
CA GLY E 33 -1.43 23.86 -16.32
C GLY E 33 -1.74 24.61 -17.59
N MET E 34 -1.55 25.91 -17.55
CA MET E 34 -1.88 26.73 -18.70
C MET E 34 -0.76 27.71 -18.95
N HIS E 35 -0.59 28.08 -20.22
CA HIS E 35 0.37 29.08 -20.64
C HIS E 35 -0.39 30.17 -21.37
N TRP E 36 0.27 31.29 -21.56
CA TRP E 36 -0.19 32.32 -22.47
C TRP E 36 0.94 32.64 -23.42
N VAL E 37 0.66 32.54 -24.72
CA VAL E 37 1.65 32.76 -25.76
C VAL E 37 1.16 33.90 -26.63
N ARG E 38 2.08 34.63 -27.22
CA ARG E 38 1.79 35.88 -27.90
C ARG E 38 2.34 35.85 -29.31
N GLN E 39 1.68 36.55 -30.22
CA GLN E 39 2.10 36.60 -31.61
C GLN E 39 1.97 38.03 -32.11
N ALA E 40 3.10 38.66 -32.41
CA ALA E 40 3.08 39.96 -33.05
C ALA E 40 2.65 39.80 -34.50
N PRO E 41 2.23 40.90 -35.15
CA PRO E 41 1.65 40.75 -36.50
C PRO E 41 2.52 40.02 -37.50
N GLU E 42 3.80 40.41 -37.64
CA GLU E 42 4.68 39.81 -38.62
C GLU E 42 5.91 39.16 -37.97
N LYS E 43 5.80 38.81 -36.70
CA LYS E 43 6.86 38.12 -35.99
C LYS E 43 6.41 36.71 -35.66
N GLY E 44 7.26 35.99 -34.95
CA GLY E 44 6.92 34.66 -34.49
C GLY E 44 6.33 34.68 -33.11
N LEU E 45 5.75 33.56 -32.73
CA LEU E 45 5.27 33.37 -31.37
C LEU E 45 6.37 33.61 -30.36
N GLU E 46 6.00 34.30 -29.30
CA GLU E 46 6.86 34.48 -28.14
C GLU E 46 6.08 34.10 -26.91
N TRP E 47 6.79 33.61 -25.91
CA TRP E 47 6.16 33.11 -24.71
C TRP E 47 5.92 34.27 -23.76
N VAL E 48 4.84 34.20 -22.99
CA VAL E 48 4.40 35.31 -22.15
C VAL E 48 4.25 34.89 -20.70
N ALA E 49 3.50 33.84 -20.43
CA ALA E 49 3.30 33.54 -19.02
C ALA E 49 2.93 32.10 -18.82
N TYR E 50 3.07 31.62 -17.59
CA TYR E 50 2.74 30.24 -17.28
C TYR E 50 2.19 30.16 -15.88
N ILE E 51 1.11 29.42 -15.71
CA ILE E 51 0.56 29.15 -14.39
C ILE E 51 0.29 27.65 -14.29
N SER E 52 0.87 27.02 -13.28
CA SER E 52 0.82 25.58 -13.21
C SER E 52 -0.51 25.12 -12.65
N SER E 53 -0.66 23.80 -12.53
CA SER E 53 -1.88 23.26 -11.96
C SER E 53 -2.04 23.71 -10.52
N GLY E 54 -3.27 24.06 -10.15
CA GLY E 54 -3.56 24.53 -8.80
C GLY E 54 -2.86 25.80 -8.40
N SER E 55 -2.32 26.55 -9.35
CA SER E 55 -1.60 27.78 -9.07
C SER E 55 -0.44 27.55 -8.10
N GLY E 56 0.19 26.38 -8.17
CA GLY E 56 1.32 26.10 -7.31
C GLY E 56 2.50 27.01 -7.58
N THR E 57 2.90 27.10 -8.85
CA THR E 57 3.99 27.95 -9.27
C THR E 57 3.55 28.77 -10.48
N ILE E 58 4.20 29.90 -10.68
CA ILE E 58 3.90 30.80 -11.79
C ILE E 58 5.21 31.34 -12.33
N TYR E 59 5.31 31.46 -13.64
CA TYR E 59 6.52 32.00 -14.25
C TYR E 59 6.16 32.99 -15.32
N TYR E 60 7.05 33.95 -15.53
CA TYR E 60 6.86 35.00 -16.52
C TYR E 60 8.13 35.19 -17.31
N ALA E 61 7.98 35.62 -18.55
CA ALA E 61 9.15 36.01 -19.32
C ALA E 61 9.74 37.27 -18.71
N ASP E 62 11.02 37.52 -18.99
CA ASP E 62 11.65 38.72 -18.46
C ASP E 62 10.99 40.00 -19.00
N THR E 63 10.51 39.97 -20.24
CA THR E 63 9.94 41.17 -20.83
C THR E 63 8.65 41.60 -20.16
N VAL E 64 8.09 40.77 -19.30
CA VAL E 64 6.77 41.03 -18.72
C VAL E 64 6.74 40.91 -17.22
N LYS E 65 7.79 40.38 -16.60
CA LYS E 65 7.75 40.07 -15.18
C LYS E 65 7.42 41.32 -14.37
N GLY E 66 6.56 41.17 -13.38
CA GLY E 66 6.15 42.27 -12.56
C GLY E 66 5.20 43.25 -13.22
N ARG E 67 4.82 43.00 -14.47
CA ARG E 67 3.93 43.89 -15.20
C ARG E 67 2.61 43.23 -15.59
N PHE E 68 2.62 41.92 -15.87
CA PHE E 68 1.43 41.15 -16.16
C PHE E 68 1.02 40.35 -14.94
N THR E 69 -0.25 39.93 -14.90
CA THR E 69 -0.75 39.05 -13.86
C THR E 69 -1.58 37.94 -14.48
N ILE E 70 -1.62 36.78 -13.83
CA ILE E 70 -2.27 35.60 -14.37
C ILE E 70 -3.00 34.88 -13.24
N SER E 71 -4.14 34.27 -13.57
CA SER E 71 -4.96 33.68 -12.52
C SER E 71 -5.85 32.59 -13.08
N ARG E 72 -6.25 31.68 -12.19
CA ARG E 72 -7.08 30.53 -12.53
C ARG E 72 -8.33 30.51 -11.68
N ASP E 73 -9.47 30.20 -12.29
CA ASP E 73 -10.72 29.96 -11.58
C ASP E 73 -11.12 28.52 -11.88
N ASP E 74 -10.79 27.63 -10.94
CA ASP E 74 -11.06 26.21 -11.14
C ASP E 74 -12.54 25.90 -11.19
N PRO E 75 -13.36 26.28 -10.21
CA PRO E 75 -14.78 25.91 -10.29
C PRO E 75 -15.49 26.45 -11.51
N LYS E 76 -15.11 27.64 -11.99
CA LYS E 76 -15.69 28.19 -13.19
C LYS E 76 -14.90 27.82 -14.44
N ASN E 77 -13.76 27.14 -14.28
CA ASN E 77 -12.97 26.67 -15.42
C ASN E 77 -12.61 27.82 -16.35
N THR E 78 -11.91 28.82 -15.82
CA THR E 78 -11.58 29.99 -16.62
C THR E 78 -10.17 30.47 -16.31
N LEU E 79 -9.49 31.05 -17.31
CA LEU E 79 -8.11 31.57 -17.17
C LEU E 79 -8.11 33.08 -17.42
N PHE E 80 -7.53 33.86 -16.50
CA PHE E 80 -7.45 35.30 -16.62
C PHE E 80 -6.01 35.74 -16.78
N LEU E 81 -5.82 36.74 -17.62
CA LEU E 81 -4.53 37.40 -17.75
C LEU E 81 -4.79 38.89 -17.68
N GLN E 82 -4.39 39.53 -16.59
CA GLN E 82 -4.69 40.94 -16.36
C GLN E 82 -3.49 41.79 -16.70
N MET E 83 -3.74 42.83 -17.50
CA MET E 83 -2.72 43.69 -18.08
C MET E 83 -2.75 45.03 -17.38
N THR E 84 -1.57 45.52 -16.99
CA THR E 84 -1.40 46.88 -16.51
C THR E 84 -0.25 47.53 -17.27
N SER E 85 -0.45 48.79 -17.67
CA SER E 85 0.60 49.55 -18.34
C SER E 85 1.08 48.84 -19.60
N LEU E 86 0.17 48.70 -20.56
CA LEU E 86 0.50 47.99 -21.79
C LEU E 86 1.24 48.89 -22.76
N ARG E 87 2.43 48.46 -23.17
CA ARG E 87 3.18 49.15 -24.19
C ARG E 87 2.53 48.96 -25.55
N SER E 88 2.91 49.82 -26.50
CA SER E 88 2.46 49.60 -27.87
C SER E 88 3.12 48.37 -28.48
N GLU E 89 4.15 47.83 -27.83
CA GLU E 89 4.81 46.62 -28.28
C GLU E 89 4.10 45.35 -27.81
N ASP E 90 2.83 45.43 -27.47
CA ASP E 90 2.04 44.26 -27.13
C ASP E 90 0.85 44.05 -28.05
N THR E 91 0.66 44.93 -29.03
CA THR E 91 -0.43 44.73 -29.99
C THR E 91 -0.22 43.42 -30.73
N ALA E 92 -1.04 42.43 -30.40
CA ALA E 92 -0.70 41.06 -30.78
C ALA E 92 -1.90 40.15 -30.60
N MET E 93 -1.84 38.99 -31.23
CA MET E 93 -2.78 37.92 -30.93
C MET E 93 -2.29 37.15 -29.72
N TYR E 94 -3.21 36.71 -28.87
CA TYR E 94 -2.87 35.94 -27.69
C TYR E 94 -3.54 34.58 -27.78
N TYR E 95 -2.76 33.54 -27.52
CA TYR E 95 -3.23 32.16 -27.49
C TYR E 95 -3.06 31.61 -26.09
N CYS E 96 -4.19 31.30 -25.46
CA CYS E 96 -4.21 30.51 -24.25
C CYS E 96 -3.87 29.08 -24.64
N VAL E 97 -2.92 28.47 -23.94
CA VAL E 97 -2.40 27.18 -24.36
C VAL E 97 -2.48 26.20 -23.21
N ARG E 98 -2.99 25.01 -23.49
CA ARG E 98 -3.09 23.98 -22.48
C ARG E 98 -1.72 23.41 -22.25
N SER E 99 -1.53 22.69 -21.14
CA SER E 99 -0.31 21.93 -20.98
C SER E 99 -0.40 21.01 -19.78
N ILE E 100 -0.06 19.74 -19.98
CA ILE E 100 -0.03 18.68 -18.92
C ILE E 100 1.38 18.07 -18.88
N TYR E 101 1.98 17.90 -17.70
CA TYR E 101 3.32 17.36 -17.59
C TYR E 101 3.31 16.12 -16.71
N TYR E 102 3.62 14.98 -17.31
CA TYR E 102 3.94 13.76 -16.58
C TYR E 102 4.70 12.88 -17.54
N TYR E 103 5.16 11.73 -17.06
CA TYR E 103 5.88 10.84 -17.95
C TYR E 103 5.01 10.43 -19.11
N GLY E 104 5.48 10.71 -20.32
CA GLY E 104 4.73 10.38 -21.50
C GLY E 104 3.63 11.35 -21.85
N SER E 105 3.67 12.57 -21.34
CA SER E 105 2.63 13.54 -21.60
C SER E 105 2.90 14.22 -22.94
N SER E 106 2.04 15.19 -23.26
CA SER E 106 2.10 15.90 -24.53
C SER E 106 1.80 17.36 -24.27
N PRO E 107 2.78 18.12 -23.78
CA PRO E 107 2.54 19.52 -23.43
C PRO E 107 2.16 20.34 -24.64
N PHE E 108 1.45 21.43 -24.41
CA PHE E 108 1.05 22.36 -25.46
C PHE E 108 0.18 21.72 -26.51
N ASP E 109 -0.53 20.66 -26.15
CA ASP E 109 -1.25 19.87 -27.15
C ASP E 109 -2.37 20.65 -27.82
N PHE E 110 -3.16 21.40 -27.06
CA PHE E 110 -4.30 22.10 -27.64
C PHE E 110 -4.25 23.58 -27.28
N TRP E 111 -4.65 24.41 -28.25
CA TRP E 111 -4.49 25.85 -28.17
C TRP E 111 -5.83 26.53 -28.35
N GLY E 112 -6.01 27.68 -27.71
CA GLY E 112 -7.18 28.49 -27.92
C GLY E 112 -7.17 29.08 -29.32
N GLN E 113 -8.28 29.70 -29.68
CA GLN E 113 -8.38 30.26 -31.01
C GLN E 113 -7.74 31.64 -31.10
N GLY E 114 -7.51 32.30 -29.96
CA GLY E 114 -6.73 33.52 -29.92
C GLY E 114 -7.58 34.78 -30.02
N THR E 115 -7.09 35.84 -29.37
CA THR E 115 -7.77 37.13 -29.41
C THR E 115 -6.77 38.25 -29.61
N THR E 116 -7.22 39.29 -30.30
CA THR E 116 -6.36 40.41 -30.69
C THR E 116 -6.41 41.49 -29.62
N LEU E 117 -5.21 41.96 -29.24
CA LEU E 117 -5.02 43.03 -28.20
C LEU E 117 -4.29 44.23 -28.86
N THR E 118 -4.99 45.07 -29.67
CA THR E 118 -4.43 46.25 -30.42
C THR E 118 -4.40 47.49 -29.50
N VAL E 119 -3.20 47.99 -29.22
CA VAL E 119 -2.96 49.19 -28.42
C VAL E 119 -2.17 50.16 -29.28
N SER E 120 -2.70 51.38 -29.44
CA SER E 120 -2.10 52.33 -30.36
C SER E 120 -2.43 53.73 -29.93
N SER E 121 -1.71 54.69 -30.50
CA SER E 121 -1.96 56.10 -30.27
C SER E 121 -1.41 56.94 -31.41
N GLY E 134 17.56 40.92 -21.03
CA GLY E 134 17.42 39.48 -21.10
C GLY E 134 18.74 38.76 -20.95
N GLY E 135 19.01 37.81 -21.84
CA GLY E 135 20.24 37.06 -21.82
C GLY E 135 20.41 36.08 -20.66
N SER E 136 21.21 35.04 -20.93
CA SER E 136 21.35 33.87 -20.06
C SER E 136 19.96 33.24 -20.23
N ASP E 137 19.63 32.92 -21.48
CA ASP E 137 18.59 31.99 -21.88
C ASP E 137 18.99 31.37 -23.21
N ILE E 138 18.10 30.56 -23.79
CA ILE E 138 18.37 29.85 -25.02
C ILE E 138 17.74 30.63 -26.16
N VAL E 139 18.41 30.65 -27.31
CA VAL E 139 17.89 31.26 -28.52
C VAL E 139 17.91 30.22 -29.62
N MET E 140 16.82 30.12 -30.36
CA MET E 140 16.74 29.19 -31.48
C MET E 140 16.92 29.97 -32.77
N THR E 141 17.55 29.33 -33.75
CA THR E 141 17.85 29.95 -35.03
C THR E 141 17.26 29.11 -36.14
N GLN E 142 16.76 29.79 -37.18
CA GLN E 142 16.13 29.18 -38.39
C GLN E 142 17.10 29.34 -39.58
N ALA E 143 17.90 28.33 -39.98
CA ALA E 143 18.90 28.43 -41.10
C ALA E 143 18.25 29.11 -42.33
N THR E 144 16.93 29.00 -42.48
CA THR E 144 16.21 29.59 -43.59
C THR E 144 15.00 30.35 -43.05
N SER E 145 14.27 30.98 -43.98
CA SER E 145 13.01 31.63 -43.67
C SER E 145 11.84 31.07 -44.45
N SER E 146 12.08 30.52 -45.63
CA SER E 146 11.04 29.88 -46.43
C SER E 146 11.70 28.84 -47.33
N VAL E 147 10.90 27.88 -47.77
CA VAL E 147 11.38 26.77 -48.58
C VAL E 147 10.47 26.62 -49.79
N PRO E 148 11.00 26.55 -51.02
CA PRO E 148 10.14 26.35 -52.19
C PRO E 148 9.70 24.90 -52.32
N VAL E 149 8.38 24.66 -52.40
CA VAL E 149 7.84 23.31 -52.35
C VAL E 149 6.83 23.02 -53.45
N THR E 150 7.15 22.06 -54.28
CA THR E 150 6.12 21.43 -55.09
C THR E 150 5.47 20.34 -54.26
N PRO E 151 4.13 20.26 -54.22
CA PRO E 151 3.49 19.27 -53.35
C PRO E 151 3.84 17.85 -53.73
N GLY E 152 3.84 16.96 -52.74
CA GLY E 152 4.22 15.58 -52.93
C GLY E 152 5.69 15.29 -52.72
N GLU E 153 6.50 16.32 -52.46
CA GLU E 153 7.93 16.14 -52.30
C GLU E 153 8.27 15.93 -50.83
N SER E 154 9.48 15.42 -50.59
CA SER E 154 9.99 15.23 -49.24
C SER E 154 10.99 16.33 -48.93
N VAL E 155 10.74 17.07 -47.85
CA VAL E 155 11.59 18.17 -47.44
C VAL E 155 11.85 18.09 -45.94
N SER E 156 12.60 19.05 -45.43
CA SER E 156 12.90 19.09 -44.01
C SER E 156 13.28 20.49 -43.59
N ILE E 157 13.20 20.73 -42.29
CA ILE E 157 13.48 22.01 -41.67
C ILE E 157 14.47 21.78 -40.53
N SER E 158 15.44 22.68 -40.40
CA SER E 158 16.49 22.53 -39.41
C SER E 158 16.48 23.68 -38.42
N CYS E 159 16.51 23.33 -37.14
CA CYS E 159 16.62 24.29 -36.05
C CYS E 159 17.97 24.12 -35.36
N ARG E 160 18.45 25.19 -34.75
CA ARG E 160 19.69 25.17 -34.01
C ARG E 160 19.48 25.82 -32.65
N SER E 161 20.29 25.38 -31.69
CA SER E 161 20.23 25.90 -30.33
C SER E 161 21.62 26.30 -29.85
N SER E 162 21.66 27.29 -28.96
CA SER E 162 22.93 27.66 -28.33
C SER E 162 23.35 26.66 -27.27
N LYS E 163 22.40 26.01 -26.61
CA LYS E 163 22.68 25.01 -25.60
C LYS E 163 22.05 23.70 -26.01
N SER E 164 22.80 22.61 -25.85
CA SER E 164 22.26 21.31 -26.21
C SER E 164 21.14 20.92 -25.25
N LEU E 165 19.94 20.78 -25.81
CA LEU E 165 18.73 20.55 -25.03
C LEU E 165 18.62 19.13 -24.51
N LEU E 166 19.48 18.23 -24.96
CA LEU E 166 19.39 16.83 -24.54
C LEU E 166 19.84 16.77 -23.09
N HIS E 167 18.88 16.78 -22.18
CA HIS E 167 19.15 16.82 -20.76
C HIS E 167 19.87 15.54 -20.33
N SER E 168 20.25 15.49 -19.05
CA SER E 168 21.04 14.39 -18.53
C SER E 168 20.28 13.08 -18.52
N ASN E 169 18.96 13.10 -18.32
CA ASN E 169 18.19 11.87 -18.21
C ASN E 169 17.78 11.29 -19.57
N GLY E 170 18.29 11.83 -20.67
CA GLY E 170 18.01 11.29 -21.98
C GLY E 170 16.91 11.98 -22.75
N ASN E 171 16.05 12.73 -22.08
CA ASN E 171 15.01 13.48 -22.78
C ASN E 171 15.65 14.58 -23.60
N THR E 172 14.97 14.99 -24.66
CA THR E 172 15.35 16.16 -25.42
C THR E 172 14.14 17.06 -25.54
N TYR E 173 14.14 18.17 -24.82
CA TYR E 173 12.93 18.97 -24.69
C TYR E 173 12.84 19.96 -25.85
N LEU E 174 12.49 19.43 -27.01
CA LEU E 174 12.25 20.22 -28.22
C LEU E 174 10.90 19.83 -28.79
N TYR E 175 10.08 20.82 -29.13
CA TYR E 175 8.75 20.59 -29.67
C TYR E 175 8.68 21.29 -31.02
N TRP E 176 7.81 20.81 -31.89
CA TRP E 176 7.58 21.44 -33.17
C TRP E 176 6.10 21.70 -33.37
N PHE E 177 5.77 22.95 -33.69
CA PHE E 177 4.40 23.40 -33.89
C PHE E 177 4.18 23.86 -35.32
N LEU E 178 3.00 23.59 -35.85
CA LEU E 178 2.57 24.04 -37.15
C LEU E 178 1.48 25.07 -37.01
N GLN E 179 1.53 26.09 -37.83
CA GLN E 179 0.48 27.11 -37.88
C GLN E 179 0.05 27.27 -39.34
N ARG E 180 -1.12 26.76 -39.64
CA ARG E 180 -1.69 26.96 -40.96
C ARG E 180 -2.18 28.40 -41.07
N PRO E 181 -2.26 28.93 -42.28
CA PRO E 181 -2.77 30.30 -42.46
C PRO E 181 -4.19 30.42 -41.92
N GLY E 182 -4.35 31.27 -40.90
CA GLY E 182 -5.65 31.56 -40.35
C GLY E 182 -6.08 30.69 -39.19
N GLN E 183 -5.20 29.89 -38.62
CA GLN E 183 -5.54 29.04 -37.48
C GLN E 183 -4.49 29.19 -36.39
N SER E 184 -4.83 28.71 -35.21
CA SER E 184 -3.86 28.67 -34.14
C SER E 184 -2.83 27.59 -34.42
N PRO E 185 -1.65 27.71 -33.82
CA PRO E 185 -0.67 26.62 -33.94
C PRO E 185 -1.21 25.35 -33.31
N GLN E 186 -0.88 24.22 -33.93
CA GLN E 186 -1.18 22.92 -33.40
C GLN E 186 0.12 22.16 -33.20
N LEU E 187 0.20 21.37 -32.14
CA LEU E 187 1.48 20.65 -31.79
C LEU E 187 1.69 19.52 -32.82
N LEU E 188 2.88 19.48 -33.43
CA LEU E 188 3.25 18.43 -34.35
C LEU E 188 4.05 17.34 -33.67
N ILE E 189 5.16 17.68 -33.03
CA ILE E 189 6.05 16.65 -32.48
C ILE E 189 6.61 17.11 -31.16
N TYR E 190 6.45 16.29 -30.12
CA TYR E 190 6.94 16.66 -28.81
C TYR E 190 8.13 15.78 -28.43
N ARG E 191 9.10 16.42 -27.78
CA ARG E 191 10.35 15.78 -27.37
C ARG E 191 11.12 15.23 -28.55
N MET E 192 11.05 15.96 -29.66
CA MET E 192 11.96 15.82 -30.79
C MET E 192 11.75 14.57 -31.62
N SER E 193 11.02 13.58 -31.12
CA SER E 193 10.72 12.42 -31.93
C SER E 193 9.30 11.89 -31.76
N ASN E 194 8.62 12.27 -30.70
CA ASN E 194 7.29 11.75 -30.44
C ASN E 194 6.27 12.68 -31.08
N LEU E 195 5.43 12.13 -31.94
CA LEU E 195 4.40 12.91 -32.60
C LEU E 195 3.09 12.86 -31.81
N ALA E 196 2.29 13.90 -31.94
CA ALA E 196 1.09 14.03 -31.13
C ALA E 196 -0.08 13.25 -31.73
N SER E 197 -1.17 13.20 -30.99
CA SER E 197 -2.39 12.57 -31.48
C SER E 197 -2.94 13.35 -32.67
N GLY E 198 -3.46 12.62 -33.65
CA GLY E 198 -4.01 13.23 -34.84
C GLY E 198 -2.99 13.63 -35.87
N VAL E 199 -1.71 13.41 -35.59
CA VAL E 199 -0.66 13.82 -36.52
C VAL E 199 -0.41 12.68 -37.49
N PRO E 200 -0.61 12.88 -38.79
CA PRO E 200 -0.32 11.83 -39.77
C PRO E 200 1.13 11.40 -39.70
N ASP E 201 1.37 10.12 -39.94
CA ASP E 201 2.71 9.56 -39.80
C ASP E 201 3.72 10.16 -40.78
N ARG E 202 3.32 11.12 -41.60
CA ARG E 202 4.24 11.73 -42.56
C ARG E 202 5.42 12.39 -41.87
N PHE E 203 5.20 13.04 -40.73
CA PHE E 203 6.20 13.86 -40.07
C PHE E 203 7.09 12.97 -39.21
N SER E 204 8.34 13.37 -39.03
CA SER E 204 9.24 12.64 -38.15
C SER E 204 10.35 13.57 -37.70
N GLY E 205 11.02 13.16 -36.62
CA GLY E 205 12.09 13.96 -36.05
C GLY E 205 13.46 13.34 -36.20
N SER E 206 14.50 14.16 -36.10
CA SER E 206 15.87 13.68 -36.27
C SER E 206 16.84 14.69 -35.68
N GLY E 207 18.11 14.33 -35.70
CA GLY E 207 19.17 15.17 -35.19
C GLY E 207 19.55 14.78 -33.78
N SER E 208 20.21 15.71 -33.11
CA SER E 208 20.60 15.53 -31.71
C SER E 208 21.23 16.82 -31.22
N GLY E 209 21.57 16.84 -29.93
CA GLY E 209 22.44 17.87 -29.41
C GLY E 209 21.94 19.28 -29.62
N THR E 210 22.57 19.98 -30.56
CA THR E 210 22.25 21.36 -30.86
C THR E 210 21.64 21.55 -32.24
N ALA E 211 21.47 20.47 -33.01
CA ALA E 211 20.89 20.57 -34.35
C ALA E 211 19.70 19.61 -34.42
N PHE E 212 18.52 20.16 -34.71
CA PHE E 212 17.25 19.46 -34.60
C PHE E 212 16.58 19.49 -35.97
N THR E 213 15.95 18.38 -36.35
CA THR E 213 15.49 18.21 -37.72
C THR E 213 14.04 17.75 -37.72
N LEU E 214 13.20 18.47 -38.45
CA LEU E 214 11.84 18.03 -38.75
C LEU E 214 11.81 17.59 -40.21
N THR E 215 11.58 16.30 -40.44
CA THR E 215 11.57 15.76 -41.79
C THR E 215 10.16 15.33 -42.16
N ILE E 216 9.69 15.80 -43.30
CA ILE E 216 8.35 15.49 -43.80
C ILE E 216 8.50 14.89 -45.18
N SER E 217 7.93 13.70 -45.38
CA SER E 217 7.95 13.04 -46.67
C SER E 217 6.53 12.94 -47.22
N ARG E 218 6.43 13.03 -48.55
CA ARG E 218 5.15 13.05 -49.24
C ARG E 218 4.29 14.20 -48.73
N LEU E 219 4.77 15.42 -48.96
CA LEU E 219 4.09 16.59 -48.43
C LEU E 219 2.75 16.81 -49.13
N GLU E 220 1.73 17.09 -48.33
CA GLU E 220 0.38 17.33 -48.80
C GLU E 220 0.07 18.82 -48.77
N ALA E 221 -0.78 19.25 -49.70
CA ALA E 221 -1.14 20.67 -49.77
C ALA E 221 -1.82 21.14 -48.49
N GLU E 222 -2.42 20.23 -47.73
CA GLU E 222 -2.99 20.59 -46.44
C GLU E 222 -1.91 20.88 -45.40
N ASP E 223 -0.67 20.45 -45.65
CA ASP E 223 0.41 20.60 -44.69
C ASP E 223 1.20 21.89 -44.89
N VAL E 224 0.73 22.79 -45.76
CA VAL E 224 1.41 24.06 -45.97
C VAL E 224 1.16 24.92 -44.73
N GLY E 225 2.21 25.57 -44.25
CA GLY E 225 2.08 26.39 -43.07
C GLY E 225 3.42 26.89 -42.58
N VAL E 226 3.44 27.31 -41.32
CA VAL E 226 4.62 27.89 -40.69
C VAL E 226 5.04 26.99 -39.54
N TYR E 227 6.30 26.59 -39.53
CA TYR E 227 6.79 25.63 -38.54
C TYR E 227 7.67 26.31 -37.51
N TYR E 228 7.48 25.96 -36.25
CA TYR E 228 8.09 26.63 -35.10
C TYR E 228 8.77 25.61 -34.21
N CYS E 229 9.93 25.98 -33.69
CA CYS E 229 10.63 25.20 -32.69
C CYS E 229 10.40 25.80 -31.32
N MET E 230 9.96 24.98 -30.38
CA MET E 230 9.97 25.33 -28.97
C MET E 230 11.07 24.56 -28.27
N GLN E 231 11.96 25.24 -27.58
CA GLN E 231 12.73 24.53 -26.58
C GLN E 231 11.87 24.50 -25.34
N HIS E 232 12.13 23.57 -24.44
CA HIS E 232 11.36 23.57 -23.22
C HIS E 232 12.22 23.19 -22.04
N LEU E 233 13.52 23.41 -22.18
CA LEU E 233 14.39 23.15 -21.06
C LEU E 233 14.23 24.20 -19.97
N GLU E 234 14.15 25.47 -20.34
CA GLU E 234 14.11 26.58 -19.41
C GLU E 234 12.78 27.28 -19.48
N TYR E 235 12.19 27.57 -18.33
CA TYR E 235 10.95 28.35 -18.29
C TYR E 235 10.98 29.68 -19.03
N PRO E 236 12.09 30.31 -19.32
CA PRO E 236 12.02 31.36 -20.34
C PRO E 236 11.91 30.76 -21.72
N LEU E 237 10.84 29.99 -21.97
CA LEU E 237 10.68 29.24 -23.21
C LEU E 237 10.86 30.14 -24.41
N THR E 238 11.71 29.73 -25.33
CA THR E 238 12.03 30.55 -26.47
C THR E 238 11.67 29.82 -27.75
N PHE E 239 10.67 30.34 -28.45
CA PHE E 239 10.29 29.88 -29.78
C PHE E 239 11.29 30.39 -30.80
N GLY E 240 11.36 29.70 -31.92
CA GLY E 240 12.12 30.19 -33.05
C GLY E 240 11.31 31.11 -33.91
N ALA E 241 12.00 31.83 -34.79
CA ALA E 241 11.30 32.67 -35.75
C ALA E 241 10.45 31.83 -36.70
N GLY E 242 10.89 30.60 -36.95
CA GLY E 242 10.13 29.67 -37.74
C GLY E 242 10.08 30.01 -39.21
N THR E 243 9.88 28.96 -40.02
CA THR E 243 9.95 29.09 -41.46
C THR E 243 8.57 28.91 -42.05
N LYS E 244 8.23 29.78 -42.99
CA LYS E 244 6.96 29.72 -43.70
C LYS E 244 7.14 28.90 -44.97
N LEU E 245 6.49 27.76 -45.03
CA LEU E 245 6.48 26.94 -46.23
C LEU E 245 5.42 27.47 -47.18
N GLU E 246 5.75 27.51 -48.48
CA GLU E 246 4.86 28.11 -49.46
C GLU E 246 4.65 27.14 -50.61
N LEU E 247 3.52 27.31 -51.29
CA LEU E 247 3.14 26.44 -52.38
C LEU E 247 3.68 26.96 -53.70
N LYS E 248 4.21 26.05 -54.51
CA LYS E 248 4.72 26.39 -55.83
C LYS E 248 3.91 25.69 -56.92
N HSM F . 19.58 10.03 40.15
CA HSM F . 18.47 10.39 39.29
CB HSM F . 18.59 11.86 38.91
CG HSM F . 17.24 12.53 38.72
ND1 HSM F . 16.35 12.81 39.63
CD2 HSM F . 16.71 12.96 37.51
CE1 HSM F . 15.31 13.38 39.07
NE2 HSM F . 15.52 13.48 37.78
#